data_2GMH
#
_entry.id   2GMH
#
_cell.length_a   154.322
_cell.length_b   154.322
_cell.length_c   128.536
_cell.angle_alpha   90.00
_cell.angle_beta   90.00
_cell.angle_gamma   90.00
#
_symmetry.space_group_name_H-M   'P 4 21 2'
#
loop_
_entity.id
_entity.type
_entity.pdbx_description
1 polymer 'Electron transfer flavoprotein-ubiquinone oxidoreductase'
2 non-polymer 'hexyl beta-D-galactopyranoside'
3 non-polymer 'SODIUM ION'
4 non-polymer 'IRON/SULFUR CLUSTER'
5 non-polymer 'FLAVIN-ADENINE DINUCLEOTIDE'
6 non-polymer 2,3-DIMETHOXY-5-METHYL-6-(3,11,15,19-TETRAMETHYL-EICOSA-2,6,10,14,18-PENTAENYL)-[1,4]BENZOQUINONE
7 non-polymer 1,2-ETHANEDIOL
8 water water
#
_entity_poly.entity_id   1
_entity_poly.type   'polypeptide(L)'
_entity_poly.pdbx_seq_one_letter_code
;SSTCKVPRITTHYTIYPRDQDKRWEGVNMERFAEEADVVIVGAGPAGLSAATRLKQLAAQHEKDLRVCLVEKAAHIGAHT
LSGACLDPRAFEELFPDWKEKGAPLNTPVTEDRFGILTEKYRIPVPILPGLPMNNHGNYVVRLGHLVSWMGEQAEALGVE
VYPGYAAAEILFHEDGSVKGIATNDVGIQKDGAPKTTFERGLELHAKVTIFAEGCHGHLAKQLYKKFDLRANCEPQTYGI
GLKELWVIDEKKWKPGRVDHTVGWPLDRHTYGGSFLYHLNEGEPLLALGFVVGLDYQNPYLSPFREFQRWKHHPSIKPTL
EGGKRIAYGARALNEGGFQSIPKLTFPGGLLIGCSPGFMNVPKIKGTHTAMKSGTLAAESIFNQLTSENLQSKTIGLHVT
EYEDNLKNSWVWKELYSVRNIRPSCHGILGVYGGMIYTGIFYWIFRGMEPWTLKHKGSDSDQLKPAKDCTPIEYPKPDGQ
ISFDLLSSVALSGTNHEHDQPAHLTLKDDSVPVNRNLSIYDGPEQRFCPAGVYEFVPLEQGDGFRLQINAQNCVHCKTCD
IKDPSQNINWVVPEGGGGPAYNGM
;
_entity_poly.pdbx_strand_id   A,B
#
loop_
_chem_comp.id
_chem_comp.type
_chem_comp.name
_chem_comp.formula
BHG D-saccharide 'hexyl beta-D-galactopyranoside' 'C12 H24 O6'
EDO non-polymer 1,2-ETHANEDIOL 'C2 H6 O2'
FAD non-polymer 'FLAVIN-ADENINE DINUCLEOTIDE' 'C27 H33 N9 O15 P2'
NA non-polymer 'SODIUM ION' 'Na 1'
SF4 non-polymer 'IRON/SULFUR CLUSTER' 'Fe4 S4'
UQ5 non-polymer 2,3-DIMETHOXY-5-METHYL-6-(3,11,15,19-TETRAMETHYL-EICOSA-2,6,10,14,18-PENTAENYL)-[1,4]BENZOQUINONE 'C34 H50 O4'
#
# COMPACT_ATOMS: atom_id res chain seq x y z
N CYS A 4 -21.39 58.36 0.49
CA CYS A 4 -20.51 57.38 -0.22
C CYS A 4 -21.17 56.06 -0.73
N LYS A 5 -20.38 55.45 -1.61
CA LYS A 5 -20.75 54.36 -2.52
C LYS A 5 -20.25 52.92 -2.71
N VAL A 6 -20.19 52.72 -4.05
CA VAL A 6 -19.87 51.57 -4.88
C VAL A 6 -18.44 50.97 -5.11
N PRO A 7 -17.36 51.40 -4.40
CA PRO A 7 -16.60 52.24 -3.41
C PRO A 7 -15.18 52.66 -3.98
N ARG A 8 -14.89 52.45 -5.29
CA ARG A 8 -13.58 52.69 -5.94
C ARG A 8 -12.64 51.97 -5.11
N ILE A 9 -13.02 50.72 -5.11
CA ILE A 9 -12.34 49.67 -4.46
C ILE A 9 -10.91 49.96 -4.82
N THR A 10 -10.68 50.52 -6.03
CA THR A 10 -9.34 50.78 -6.53
C THR A 10 -8.78 52.19 -6.49
N THR A 11 -7.74 52.33 -5.66
CA THR A 11 -7.06 53.59 -5.41
C THR A 11 -5.54 53.45 -5.45
N HIS A 12 -5.03 52.30 -5.86
CA HIS A 12 -3.59 52.13 -5.90
C HIS A 12 -2.92 53.01 -6.97
N TYR A 13 -1.75 53.54 -6.64
CA TYR A 13 -1.06 54.41 -7.58
C TYR A 13 -0.73 53.78 -8.94
N THR A 14 -0.69 52.46 -9.01
CA THR A 14 -0.38 51.82 -10.27
C THR A 14 -1.51 51.88 -11.27
N ILE A 15 -2.70 52.22 -10.80
CA ILE A 15 -3.83 52.30 -11.69
C ILE A 15 -4.27 53.73 -11.88
N TYR A 16 -4.03 54.54 -10.84
CA TYR A 16 -4.36 55.97 -10.83
C TYR A 16 -3.09 56.70 -10.42
N PRO A 17 -2.18 56.89 -11.39
CA PRO A 17 -0.89 57.57 -11.23
C PRO A 17 -1.12 58.81 -10.39
N ARG A 18 -0.23 59.06 -9.41
CA ARG A 18 -0.41 60.25 -8.56
C ARG A 18 0.22 61.45 -9.25
N ASP A 19 0.71 61.20 -10.45
CA ASP A 19 1.32 62.24 -11.24
C ASP A 19 0.14 62.83 -12.05
N GLN A 20 -1.03 62.19 -11.87
CA GLN A 20 -2.29 62.56 -12.53
C GLN A 20 -3.40 62.94 -11.55
N ASP A 21 -3.12 63.03 -10.26
CA ASP A 21 -4.19 63.41 -9.36
C ASP A 21 -3.78 64.51 -8.36
N LYS A 22 -4.54 65.61 -8.42
CA LYS A 22 -4.29 66.82 -7.60
C LYS A 22 -3.91 66.67 -6.13
N ARG A 23 -4.41 65.63 -5.47
CA ARG A 23 -4.10 65.41 -4.07
C ARG A 23 -2.59 65.34 -3.83
N TRP A 24 -1.81 65.16 -4.90
CA TRP A 24 -0.35 65.03 -4.79
C TRP A 24 0.47 66.19 -5.30
N GLU A 25 -0.19 67.32 -5.51
CA GLU A 25 0.45 68.50 -6.04
C GLU A 25 1.76 68.91 -5.36
N GLY A 26 1.73 69.21 -4.06
CA GLY A 26 2.94 69.65 -3.39
C GLY A 26 4.05 68.67 -3.10
N VAL A 27 3.69 67.39 -2.96
CA VAL A 27 4.61 66.30 -2.60
C VAL A 27 5.86 66.04 -3.45
N ASN A 28 7.01 66.01 -2.80
CA ASN A 28 8.27 65.75 -3.50
C ASN A 28 8.48 64.24 -3.60
N MET A 29 8.60 63.76 -4.83
CA MET A 29 8.79 62.34 -5.12
C MET A 29 10.26 61.95 -5.33
N GLU A 30 11.18 62.76 -4.84
CA GLU A 30 12.61 62.48 -5.02
C GLU A 30 13.02 61.30 -4.11
N ARG A 31 13.67 60.29 -4.70
CA ARG A 31 14.10 59.12 -3.94
C ARG A 31 15.62 59.07 -3.78
N PHE A 32 16.13 58.62 -2.63
CA PHE A 32 17.60 58.52 -2.46
C PHE A 32 17.93 57.26 -3.24
N ALA A 33 19.19 57.09 -3.63
CA ALA A 33 19.60 55.92 -4.40
C ALA A 33 20.87 55.27 -3.88
N GLU A 34 21.00 53.98 -4.09
CA GLU A 34 22.14 53.24 -3.57
C GLU A 34 22.69 52.51 -4.81
N GLU A 35 24.01 52.32 -4.88
CA GLU A 35 24.61 51.67 -6.04
C GLU A 35 25.20 50.33 -5.69
N ALA A 36 24.91 49.33 -6.50
CA ALA A 36 25.43 47.98 -6.27
C ALA A 36 25.81 47.38 -7.60
N ASP A 37 26.40 46.19 -7.58
CA ASP A 37 26.76 45.52 -8.81
C ASP A 37 25.60 44.66 -9.25
N VAL A 38 25.02 43.92 -8.29
CA VAL A 38 23.88 43.03 -8.53
C VAL A 38 22.83 43.24 -7.46
N VAL A 39 21.59 43.37 -7.91
CA VAL A 39 20.45 43.55 -7.04
C VAL A 39 19.57 42.33 -7.26
N ILE A 40 19.15 41.68 -6.17
CA ILE A 40 18.32 40.49 -6.26
C ILE A 40 16.97 40.72 -5.62
N VAL A 41 15.91 40.35 -6.34
CA VAL A 41 14.56 40.54 -5.82
C VAL A 41 13.90 39.21 -5.42
N GLY A 42 13.82 38.99 -4.11
CA GLY A 42 13.24 37.80 -3.52
C GLY A 42 14.24 36.94 -2.78
N ALA A 43 14.06 36.78 -1.47
CA ALA A 43 14.95 35.95 -0.67
C ALA A 43 14.35 34.55 -0.52
N GLY A 44 14.16 33.90 -1.67
CA GLY A 44 13.63 32.55 -1.67
C GLY A 44 14.86 31.69 -1.91
N PRO A 45 14.71 30.38 -2.11
CA PRO A 45 15.89 29.54 -2.34
C PRO A 45 16.68 29.94 -3.59
N ALA A 46 16.00 30.50 -4.58
CA ALA A 46 16.70 30.92 -5.78
C ALA A 46 17.50 32.21 -5.50
N GLY A 47 16.83 33.24 -5.02
CA GLY A 47 17.53 34.47 -4.74
C GLY A 47 18.70 34.27 -3.80
N LEU A 48 18.53 33.45 -2.76
CA LEU A 48 19.59 33.22 -1.81
C LEU A 48 20.71 32.42 -2.44
N SER A 49 20.35 31.54 -3.37
CA SER A 49 21.38 30.74 -4.04
C SER A 49 22.24 31.67 -4.88
N ALA A 50 21.59 32.56 -5.60
CA ALA A 50 22.33 33.48 -6.45
C ALA A 50 23.23 34.37 -5.60
N ALA A 51 22.65 34.96 -4.55
CA ALA A 51 23.40 35.85 -3.67
C ALA A 51 24.58 35.13 -3.06
N THR A 52 24.31 33.98 -2.46
CA THR A 52 25.35 33.20 -1.83
C THR A 52 26.51 32.97 -2.77
N ARG A 53 26.23 32.27 -3.87
CA ARG A 53 27.25 31.95 -4.85
C ARG A 53 28.05 33.17 -5.30
N LEU A 54 27.37 34.29 -5.56
CA LEU A 54 28.06 35.48 -6.01
C LEU A 54 29.07 35.97 -4.99
N LYS A 55 28.72 35.91 -3.72
CA LYS A 55 29.64 36.33 -2.66
C LYS A 55 30.69 35.25 -2.43
N GLN A 56 30.45 34.05 -2.95
CA GLN A 56 31.43 32.98 -2.80
C GLN A 56 32.46 33.18 -3.91
N LEU A 57 31.97 33.45 -5.13
CA LEU A 57 32.82 33.67 -6.29
C LEU A 57 33.68 34.90 -6.04
N ALA A 58 33.15 35.86 -5.31
CA ALA A 58 33.87 37.08 -4.99
C ALA A 58 35.02 36.77 -4.04
N ALA A 59 34.78 35.89 -3.07
CA ALA A 59 35.80 35.52 -2.10
C ALA A 59 36.87 34.68 -2.76
N GLN A 60 36.47 33.69 -3.55
CA GLN A 60 37.45 32.85 -4.22
C GLN A 60 38.42 33.71 -5.01
N HIS A 61 37.94 34.62 -5.83
CA HIS A 61 38.80 35.43 -6.68
C HIS A 61 39.19 36.83 -6.13
N GLU A 62 38.95 37.05 -4.85
CA GLU A 62 39.24 38.37 -4.24
C GLU A 62 38.89 39.60 -5.08
N LYS A 63 37.61 39.87 -5.26
CA LYS A 63 37.13 41.03 -5.98
C LYS A 63 36.08 41.70 -5.09
N ASP A 64 35.71 42.95 -5.36
CA ASP A 64 34.70 43.60 -4.54
C ASP A 64 33.37 43.50 -5.25
N LEU A 65 32.37 42.96 -4.57
CA LEU A 65 31.06 42.84 -5.18
C LEU A 65 29.97 43.27 -4.21
N ARG A 66 29.24 44.31 -4.57
CA ARG A 66 28.13 44.74 -3.72
C ARG A 66 26.87 44.07 -4.24
N VAL A 67 26.28 43.20 -3.40
CA VAL A 67 25.07 42.47 -3.73
C VAL A 67 23.94 42.78 -2.76
N CYS A 68 22.88 43.39 -3.26
CA CYS A 68 21.71 43.72 -2.42
C CYS A 68 20.52 42.80 -2.74
N LEU A 69 19.99 42.19 -1.68
CA LEU A 69 18.87 41.26 -1.75
C LEU A 69 17.68 41.87 -0.99
N VAL A 70 16.58 42.10 -1.70
CA VAL A 70 15.39 42.66 -1.06
C VAL A 70 14.29 41.61 -1.02
N GLU A 71 13.51 41.64 0.05
CA GLU A 71 12.43 40.68 0.27
C GLU A 71 11.21 41.36 0.87
N LYS A 72 10.02 40.88 0.50
CA LYS A 72 8.75 41.41 1.02
C LYS A 72 8.59 41.09 2.50
N ALA A 73 8.83 39.84 2.83
CA ALA A 73 8.69 39.30 4.16
C ALA A 73 9.33 40.11 5.29
N ALA A 74 8.60 40.25 6.40
CA ALA A 74 9.09 40.97 7.58
C ALA A 74 10.46 40.36 7.88
N HIS A 75 10.54 39.05 7.97
CA HIS A 75 11.85 38.46 8.11
C HIS A 75 12.04 37.24 7.21
N ILE A 76 13.29 37.02 6.80
CA ILE A 76 13.59 35.97 5.84
C ILE A 76 12.92 34.63 6.14
N GLY A 77 12.24 34.07 5.15
CA GLY A 77 11.55 32.79 5.32
C GLY A 77 10.08 32.89 5.74
N ALA A 78 9.60 34.10 6.00
CA ALA A 78 8.23 34.31 6.43
C ALA A 78 7.13 34.16 5.36
N HIS A 79 7.50 34.24 4.08
CA HIS A 79 6.50 34.10 3.01
C HIS A 79 6.75 32.78 2.28
N THR A 80 7.64 31.98 2.83
CA THR A 80 8.01 30.70 2.24
C THR A 80 7.02 29.58 2.53
N LEU A 81 6.41 29.07 1.48
CA LEU A 81 5.47 27.99 1.65
C LEU A 81 5.71 26.92 0.64
N SER A 82 5.96 25.74 1.15
CA SER A 82 6.24 24.57 0.34
C SER A 82 5.81 23.38 1.19
N GLY A 83 5.83 22.17 0.66
CA GLY A 83 5.44 21.04 1.48
C GLY A 83 6.81 20.66 1.96
N ALA A 84 7.62 20.61 0.92
CA ALA A 84 9.03 20.37 0.89
C ALA A 84 9.72 19.04 1.08
N CYS A 85 9.93 18.37 -0.04
CA CYS A 85 10.68 17.15 -0.14
C CYS A 85 11.80 17.67 -1.02
N LEU A 86 13.01 17.72 -0.48
CA LEU A 86 14.15 18.28 -1.18
C LEU A 86 15.14 17.34 -1.84
N ASP A 87 15.49 17.64 -3.09
CA ASP A 87 16.51 16.91 -3.86
C ASP A 87 17.77 17.75 -3.58
N PRO A 88 18.71 17.22 -2.81
CA PRO A 88 19.97 17.88 -2.41
C PRO A 88 20.97 18.30 -3.49
N ARG A 89 20.83 17.74 -4.68
CA ARG A 89 21.71 18.00 -5.80
C ARG A 89 22.32 19.42 -5.92
N ALA A 90 21.50 20.45 -6.04
CA ALA A 90 22.04 21.80 -6.18
C ALA A 90 22.42 22.43 -4.85
N PHE A 91 21.74 22.02 -3.79
CA PHE A 91 22.03 22.55 -2.47
C PHE A 91 23.46 22.15 -2.04
N GLU A 92 23.81 20.86 -2.13
CA GLU A 92 25.13 20.41 -1.75
C GLU A 92 26.18 21.02 -2.68
N GLU A 93 25.76 21.46 -3.86
CA GLU A 93 26.69 22.10 -4.76
C GLU A 93 27.03 23.46 -4.17
N LEU A 94 26.02 24.16 -3.66
CA LEU A 94 26.22 25.50 -3.09
C LEU A 94 26.87 25.45 -1.71
N PHE A 95 26.56 24.39 -0.96
CA PHE A 95 27.06 24.22 0.38
C PHE A 95 27.46 22.79 0.61
N PRO A 96 28.62 22.36 0.06
CA PRO A 96 29.04 20.96 0.27
C PRO A 96 29.24 20.71 1.80
N ASP A 97 29.52 21.84 2.46
CA ASP A 97 29.78 22.00 3.89
C ASP A 97 28.58 22.09 4.84
N TRP A 98 27.35 21.92 4.35
CA TRP A 98 26.11 22.08 5.14
C TRP A 98 25.88 21.33 6.46
N LYS A 99 26.28 20.06 6.50
CA LYS A 99 26.07 19.27 7.68
C LYS A 99 26.66 19.94 8.93
N GLU A 100 27.94 20.27 8.91
CA GLU A 100 28.53 20.91 10.09
C GLU A 100 28.18 22.39 10.19
N LYS A 101 27.74 22.99 9.08
CA LYS A 101 27.39 24.41 9.11
C LYS A 101 25.96 24.56 9.65
N GLY A 102 25.30 23.43 9.87
CA GLY A 102 23.96 23.44 10.45
C GLY A 102 22.67 23.51 9.64
N ALA A 103 22.73 23.34 8.33
CA ALA A 103 21.52 23.37 7.49
C ALA A 103 20.52 22.34 8.03
N PRO A 104 19.24 22.70 8.12
CA PRO A 104 18.19 21.80 8.62
C PRO A 104 17.67 20.66 7.71
N LEU A 105 18.57 19.79 7.29
CA LEU A 105 18.17 18.64 6.47
C LEU A 105 18.30 17.46 7.43
N ASN A 106 17.34 17.38 8.33
CA ASN A 106 17.35 16.36 9.36
C ASN A 106 16.47 15.17 9.07
N THR A 107 15.66 15.25 8.02
CA THR A 107 14.73 14.16 7.71
C THR A 107 14.91 13.46 6.38
N PRO A 108 15.81 12.49 6.32
CA PRO A 108 16.01 11.77 5.05
C PRO A 108 14.81 10.89 4.80
N VAL A 109 14.27 10.94 3.57
CA VAL A 109 13.08 10.16 3.24
C VAL A 109 13.34 8.67 3.35
N THR A 110 12.53 8.00 4.17
CA THR A 110 12.68 6.55 4.35
C THR A 110 11.57 5.73 3.73
N GLU A 111 10.42 6.34 3.47
CA GLU A 111 9.32 5.59 2.90
C GLU A 111 8.43 6.46 2.00
N ASP A 112 8.17 5.97 0.79
CA ASP A 112 7.32 6.67 -0.17
C ASP A 112 6.04 5.89 -0.43
N ARG A 113 4.89 6.50 -0.16
CA ARG A 113 3.60 5.85 -0.40
C ARG A 113 2.73 6.72 -1.29
N PHE A 114 1.89 6.07 -2.09
CA PHE A 114 1.02 6.76 -3.01
C PHE A 114 -0.26 5.94 -3.11
N GLY A 115 -1.41 6.62 -3.11
CA GLY A 115 -2.68 5.92 -3.16
C GLY A 115 -3.73 6.70 -3.93
N ILE A 116 -4.70 5.96 -4.47
CA ILE A 116 -5.78 6.59 -5.21
C ILE A 116 -6.99 6.52 -4.31
N LEU A 117 -7.60 7.67 -4.03
CA LEU A 117 -8.74 7.68 -3.13
C LEU A 117 -10.12 7.71 -3.74
N THR A 118 -11.07 7.08 -3.07
CA THR A 118 -12.47 7.10 -3.48
C THR A 118 -13.10 7.69 -2.23
N GLU A 119 -14.38 8.00 -2.25
CA GLU A 119 -15.01 8.54 -1.06
C GLU A 119 -14.82 7.60 0.14
N LYS A 120 -14.96 6.29 -0.06
CA LYS A 120 -14.84 5.35 1.06
C LYS A 120 -13.45 4.67 1.25
N TYR A 121 -12.72 4.39 0.17
CA TYR A 121 -11.43 3.68 0.30
C TYR A 121 -10.19 4.32 -0.29
N ARG A 122 -9.07 3.61 -0.14
CA ARG A 122 -7.75 4.01 -0.65
C ARG A 122 -7.19 2.79 -1.37
N ILE A 123 -6.80 3.00 -2.63
CA ILE A 123 -6.21 1.97 -3.47
C ILE A 123 -4.71 2.21 -3.47
N PRO A 124 -3.93 1.27 -2.93
CA PRO A 124 -2.49 1.54 -2.94
C PRO A 124 -1.90 1.36 -4.33
N VAL A 125 -0.90 2.18 -4.65
CA VAL A 125 -0.23 2.13 -5.95
C VAL A 125 1.28 1.81 -5.80
N PRO A 126 1.76 0.77 -6.51
CA PRO A 126 3.17 0.37 -6.44
C PRO A 126 4.15 1.44 -6.90
N ILE A 127 5.06 1.83 -6.02
CA ILE A 127 6.03 2.86 -6.39
C ILE A 127 7.34 2.23 -6.72
N LEU A 128 7.65 2.25 -8.01
CA LEU A 128 8.89 1.68 -8.48
C LEU A 128 9.97 2.73 -8.54
N PRO A 129 11.21 2.32 -8.62
CA PRO A 129 12.33 3.27 -8.68
C PRO A 129 12.36 4.06 -9.98
N GLY A 130 11.62 3.56 -10.94
CA GLY A 130 11.57 4.17 -12.24
C GLY A 130 10.58 5.29 -12.43
N LEU A 131 9.68 5.48 -11.47
CA LEU A 131 8.69 6.54 -11.59
C LEU A 131 9.28 7.80 -10.95
N PRO A 132 8.68 8.98 -11.24
CA PRO A 132 9.17 10.26 -10.68
C PRO A 132 8.79 10.57 -9.23
N MET A 133 7.85 9.82 -8.68
CA MET A 133 7.44 10.04 -7.30
C MET A 133 8.32 9.23 -6.34
N ASN A 134 9.49 8.85 -6.82
CA ASN A 134 10.43 8.09 -5.98
C ASN A 134 11.39 9.09 -5.32
N ASN A 135 11.45 9.06 -3.99
CA ASN A 135 12.28 9.98 -3.23
C ASN A 135 13.56 9.45 -2.63
N HIS A 136 14.14 8.40 -3.22
CA HIS A 136 15.37 7.87 -2.69
C HIS A 136 16.46 8.94 -2.74
N GLY A 137 17.14 9.14 -1.61
CA GLY A 137 18.19 10.14 -1.53
C GLY A 137 17.75 11.55 -1.17
N ASN A 138 16.46 11.75 -0.91
CA ASN A 138 15.96 13.08 -0.58
C ASN A 138 15.65 13.36 0.89
N TYR A 139 15.48 14.65 1.18
CA TYR A 139 15.16 15.09 2.54
C TYR A 139 13.80 15.76 2.64
N VAL A 140 13.19 15.60 3.79
CA VAL A 140 11.91 16.21 4.07
C VAL A 140 12.36 17.42 4.82
N VAL A 141 11.95 18.64 4.44
CA VAL A 141 12.39 19.84 5.18
C VAL A 141 11.33 20.92 5.32
N ARG A 142 11.55 21.81 6.27
CA ARG A 142 10.67 22.96 6.49
C ARG A 142 11.36 24.05 5.69
N LEU A 143 10.96 24.20 4.44
CA LEU A 143 11.61 25.16 3.56
C LEU A 143 11.84 26.53 4.20
N GLY A 144 10.87 26.96 5.00
CA GLY A 144 10.99 28.25 5.65
C GLY A 144 12.26 28.36 6.47
N HIS A 145 12.56 27.27 7.18
CA HIS A 145 13.75 27.24 8.03
C HIS A 145 14.99 27.10 7.19
N LEU A 146 14.92 26.33 6.11
CA LEU A 146 16.12 26.18 5.31
C LEU A 146 16.46 27.53 4.67
N VAL A 147 15.43 28.24 4.26
CA VAL A 147 15.60 29.56 3.66
C VAL A 147 16.21 30.53 4.70
N SER A 148 15.67 30.51 5.90
CA SER A 148 16.18 31.37 6.96
C SER A 148 17.67 31.06 7.19
N TRP A 149 18.00 29.78 7.17
CA TRP A 149 19.37 29.33 7.34
C TRP A 149 20.24 29.89 6.23
N MET A 150 19.71 29.84 5.01
CA MET A 150 20.43 30.35 3.86
C MET A 150 20.67 31.85 3.96
N GLY A 151 19.68 32.60 4.42
CA GLY A 151 19.86 34.04 4.56
C GLY A 151 20.97 34.34 5.56
N GLU A 152 21.18 33.39 6.48
CA GLU A 152 22.19 33.54 7.50
C GLU A 152 23.56 33.37 6.92
N GLN A 153 23.71 32.39 6.03
CA GLN A 153 24.99 32.13 5.38
C GLN A 153 25.25 33.29 4.42
N ALA A 154 24.24 33.67 3.67
CA ALA A 154 24.41 34.77 2.72
C ALA A 154 24.97 36.02 3.42
N GLU A 155 24.36 36.42 4.53
CA GLU A 155 24.84 37.59 5.24
C GLU A 155 26.28 37.41 5.68
N ALA A 156 26.58 36.25 6.26
CA ALA A 156 27.93 35.96 6.74
C ALA A 156 28.93 36.17 5.61
N LEU A 157 28.48 35.92 4.38
CA LEU A 157 29.34 36.08 3.21
C LEU A 157 29.43 37.53 2.73
N GLY A 158 28.67 38.41 3.36
CA GLY A 158 28.72 39.81 2.98
C GLY A 158 27.57 40.33 2.13
N VAL A 159 26.58 39.49 1.87
CA VAL A 159 25.44 39.91 1.09
C VAL A 159 24.67 40.91 1.96
N GLU A 160 24.12 41.95 1.34
CA GLU A 160 23.32 42.93 2.07
C GLU A 160 21.86 42.53 1.97
N VAL A 161 21.36 41.92 3.02
CA VAL A 161 19.98 41.42 3.06
C VAL A 161 19.02 42.43 3.64
N TYR A 162 17.93 42.66 2.90
CA TYR A 162 16.91 43.65 3.25
C TYR A 162 15.50 43.14 3.36
N PRO A 163 15.22 42.43 4.44
CA PRO A 163 13.85 41.93 4.60
C PRO A 163 12.97 43.12 4.88
N GLY A 164 11.67 42.98 4.62
CA GLY A 164 10.77 44.09 4.87
C GLY A 164 10.73 45.14 3.75
N TYR A 165 11.53 44.92 2.71
CA TYR A 165 11.56 45.84 1.58
C TYR A 165 11.02 45.18 0.33
N ALA A 166 9.89 45.68 -0.17
CA ALA A 166 9.31 45.14 -1.39
C ALA A 166 9.73 45.88 -2.67
N ALA A 167 10.17 45.14 -3.68
CA ALA A 167 10.51 45.75 -4.97
C ALA A 167 9.18 46.09 -5.59
N ALA A 168 8.86 47.38 -5.68
CA ALA A 168 7.58 47.81 -6.22
C ALA A 168 7.61 48.43 -7.58
N GLU A 169 8.79 48.72 -8.12
CA GLU A 169 8.87 49.38 -9.41
C GLU A 169 10.20 49.10 -10.11
N ILE A 170 10.11 48.67 -11.36
CA ILE A 170 11.30 48.38 -12.16
C ILE A 170 11.88 49.69 -12.72
N LEU A 171 13.20 49.83 -12.63
CA LEU A 171 13.88 51.02 -13.13
C LEU A 171 14.48 50.77 -14.50
N PHE A 172 14.31 51.72 -15.41
CA PHE A 172 14.88 51.54 -16.74
C PHE A 172 15.84 52.66 -17.12
N HIS A 173 16.90 52.30 -17.84
CA HIS A 173 17.86 53.27 -18.34
C HIS A 173 17.20 53.85 -19.56
N GLU A 174 17.68 54.99 -20.05
CA GLU A 174 17.04 55.54 -21.23
C GLU A 174 17.21 54.67 -22.47
N ASP A 175 18.25 53.85 -22.50
CA ASP A 175 18.45 52.98 -23.67
C ASP A 175 17.43 51.84 -23.65
N GLY A 176 16.62 51.79 -22.59
CA GLY A 176 15.59 50.78 -22.52
C GLY A 176 15.88 49.57 -21.64
N SER A 177 17.14 49.40 -21.24
CA SER A 177 17.49 48.29 -20.37
C SER A 177 17.20 48.59 -18.90
N VAL A 178 17.10 47.53 -18.09
CA VAL A 178 16.80 47.68 -16.68
C VAL A 178 17.94 48.31 -15.88
N LYS A 179 17.61 49.36 -15.13
CA LYS A 179 18.61 50.06 -14.31
C LYS A 179 18.61 49.42 -12.91
N GLY A 180 17.42 49.07 -12.45
CA GLY A 180 17.30 48.44 -11.14
C GLY A 180 15.86 48.40 -10.66
N ILE A 181 15.68 48.57 -9.36
CA ILE A 181 14.33 48.57 -8.82
C ILE A 181 14.22 49.60 -7.72
N ALA A 182 13.00 49.93 -7.36
CA ALA A 182 12.77 50.84 -6.25
C ALA A 182 11.89 50.07 -5.25
N THR A 183 12.12 50.29 -3.96
CA THR A 183 11.34 49.63 -2.92
C THR A 183 9.98 50.34 -2.81
N ASN A 184 9.07 49.78 -2.02
CA ASN A 184 7.75 50.37 -1.91
C ASN A 184 7.79 51.67 -1.16
N ASP A 185 6.91 52.58 -1.55
CA ASP A 185 6.80 53.84 -0.85
C ASP A 185 6.05 53.46 0.40
N VAL A 186 5.87 54.41 1.32
CA VAL A 186 5.16 54.11 2.55
C VAL A 186 4.35 55.31 3.05
N GLY A 187 3.26 55.02 3.75
CA GLY A 187 2.42 56.10 4.27
C GLY A 187 1.48 56.73 3.27
N ILE A 188 0.55 55.94 2.76
CA ILE A 188 -0.47 56.40 1.81
C ILE A 188 -1.73 55.79 2.36
N GLN A 189 -2.78 56.59 2.52
CA GLN A 189 -3.99 56.02 3.08
C GLN A 189 -4.80 55.23 2.09
N LYS A 190 -5.72 54.44 2.63
CA LYS A 190 -6.59 53.60 1.84
C LYS A 190 -7.13 54.29 0.60
N ASP A 191 -7.43 55.59 0.67
CA ASP A 191 -7.99 56.30 -0.50
C ASP A 191 -6.99 56.88 -1.48
N GLY A 192 -5.70 56.63 -1.25
CA GLY A 192 -4.68 57.12 -2.16
C GLY A 192 -4.08 58.46 -1.81
N ALA A 193 -4.61 59.07 -0.77
CA ALA A 193 -4.13 60.37 -0.35
C ALA A 193 -2.82 60.24 0.40
N PRO A 194 -1.98 61.26 0.33
CA PRO A 194 -0.71 61.18 1.03
C PRO A 194 -0.88 61.58 2.50
N LYS A 195 -0.20 60.85 3.36
CA LYS A 195 -0.23 61.10 4.79
C LYS A 195 0.93 62.01 5.12
N THR A 196 0.87 62.60 6.32
CA THR A 196 1.91 63.51 6.78
C THR A 196 3.19 62.71 6.92
N THR A 197 3.05 61.38 6.95
CA THR A 197 4.20 60.50 7.10
C THR A 197 4.65 59.87 5.81
N PHE A 198 4.03 60.25 4.70
CA PHE A 198 4.39 59.71 3.40
C PHE A 198 5.89 59.64 3.24
N GLU A 199 6.37 58.54 2.70
CA GLU A 199 7.79 58.36 2.48
C GLU A 199 8.07 57.60 1.20
N ARG A 200 8.92 58.18 0.38
CA ARG A 200 9.30 57.58 -0.89
C ARG A 200 10.22 56.38 -0.72
N GLY A 201 10.11 55.44 -1.64
CA GLY A 201 10.92 54.24 -1.59
C GLY A 201 12.39 54.49 -1.85
N LEU A 202 13.14 53.40 -1.88
CA LEU A 202 14.56 53.44 -2.08
C LEU A 202 14.87 52.94 -3.49
N GLU A 203 15.81 53.60 -4.17
CA GLU A 203 16.20 53.19 -5.50
C GLU A 203 17.50 52.41 -5.42
N LEU A 204 17.49 51.19 -5.96
CA LEU A 204 18.68 50.35 -5.98
C LEU A 204 19.14 50.13 -7.44
N HIS A 205 20.26 50.76 -7.79
CA HIS A 205 20.81 50.66 -9.13
C HIS A 205 21.89 49.59 -9.25
N ALA A 206 21.88 48.84 -10.35
CA ALA A 206 22.88 47.80 -10.54
C ALA A 206 23.17 47.57 -12.02
N LYS A 207 24.26 46.86 -12.30
CA LYS A 207 24.60 46.54 -13.68
C LYS A 207 23.61 45.47 -14.15
N VAL A 208 23.19 44.63 -13.22
CA VAL A 208 22.25 43.56 -13.50
C VAL A 208 21.41 43.24 -12.29
N THR A 209 20.10 43.24 -12.50
CA THR A 209 19.15 42.93 -11.44
C THR A 209 18.58 41.49 -11.65
N ILE A 210 18.63 40.68 -10.60
CA ILE A 210 18.12 39.32 -10.67
C ILE A 210 16.67 39.26 -10.14
N PHE A 211 15.76 38.68 -10.92
CA PHE A 211 14.38 38.60 -10.50
C PHE A 211 14.04 37.19 -10.05
N ALA A 212 13.83 37.07 -8.73
CA ALA A 212 13.53 35.80 -8.08
C ALA A 212 12.31 35.91 -7.19
N GLU A 213 11.21 36.41 -7.74
CA GLU A 213 9.97 36.57 -6.98
C GLU A 213 9.21 35.26 -6.82
N GLY A 214 9.63 34.17 -7.45
CA GLY A 214 8.88 32.94 -7.30
C GLY A 214 7.66 32.86 -8.23
N CYS A 215 6.86 31.82 -8.05
CA CYS A 215 5.68 31.60 -8.88
C CYS A 215 4.80 32.84 -9.06
N HIS A 216 4.64 33.24 -10.31
CA HIS A 216 3.83 34.43 -10.67
C HIS A 216 4.28 35.76 -10.05
N GLY A 217 5.56 36.09 -10.18
CA GLY A 217 6.04 37.36 -9.64
C GLY A 217 5.32 38.56 -10.28
N HIS A 218 5.00 39.57 -9.49
CA HIS A 218 4.29 40.70 -10.10
C HIS A 218 5.19 41.62 -10.97
N LEU A 219 6.47 41.72 -10.66
CA LEU A 219 7.39 42.49 -11.51
C LEU A 219 7.69 41.66 -12.79
N ALA A 220 7.87 40.35 -12.67
CA ALA A 220 8.14 39.52 -13.84
C ALA A 220 6.97 39.55 -14.83
N LYS A 221 5.76 39.53 -14.30
CA LYS A 221 4.57 39.59 -15.15
C LYS A 221 4.71 40.80 -16.11
N GLN A 222 5.20 41.94 -15.61
CA GLN A 222 5.31 43.08 -16.51
C GLN A 222 6.60 43.02 -17.33
N LEU A 223 7.59 42.29 -16.82
CA LEU A 223 8.87 42.12 -17.50
C LEU A 223 8.62 41.31 -18.76
N TYR A 224 7.76 40.30 -18.66
CA TYR A 224 7.47 39.46 -19.81
C TYR A 224 6.96 40.32 -20.93
N LYS A 225 6.11 41.29 -20.59
CA LYS A 225 5.53 42.20 -21.56
C LYS A 225 6.60 43.06 -22.20
N LYS A 226 7.33 43.77 -21.35
CA LYS A 226 8.37 44.70 -21.78
C LYS A 226 9.38 44.16 -22.79
N PHE A 227 9.82 42.91 -22.62
CA PHE A 227 10.80 42.37 -23.53
C PHE A 227 10.31 41.15 -24.31
N ASP A 228 9.00 41.04 -24.49
CA ASP A 228 8.42 39.93 -25.25
C ASP A 228 9.15 38.58 -25.03
N LEU A 229 9.25 38.20 -23.76
CA LEU A 229 9.90 36.98 -23.32
C LEU A 229 9.09 35.69 -23.51
N ARG A 230 7.78 35.77 -23.72
CA ARG A 230 6.97 34.56 -23.90
C ARG A 230 6.80 34.26 -25.40
N ALA A 231 7.55 34.98 -26.24
CA ALA A 231 7.44 34.81 -27.70
C ALA A 231 7.52 33.36 -28.20
N ASN A 232 8.39 32.55 -27.62
CA ASN A 232 8.47 31.18 -28.04
C ASN A 232 8.02 30.20 -26.99
N CYS A 233 7.01 30.54 -26.23
CA CYS A 233 6.61 29.56 -25.23
C CYS A 233 5.11 29.60 -24.98
N GLU A 234 4.58 28.49 -24.48
CA GLU A 234 3.18 28.37 -24.12
C GLU A 234 3.07 29.15 -22.81
N PRO A 235 1.91 29.75 -22.55
CA PRO A 235 1.81 30.48 -21.28
C PRO A 235 1.98 29.56 -20.05
N GLN A 236 2.37 30.12 -18.92
CA GLN A 236 2.55 29.27 -17.73
C GLN A 236 1.20 28.72 -17.24
N THR A 237 1.19 27.53 -16.64
CA THR A 237 -0.03 26.94 -16.11
C THR A 237 0.24 26.79 -14.64
N TYR A 238 -0.78 26.85 -13.80
CA TYR A 238 -0.55 26.81 -12.36
C TYR A 238 -1.47 25.93 -11.60
N GLY A 239 -1.18 25.84 -10.31
CA GLY A 239 -2.00 25.10 -9.36
C GLY A 239 -1.93 25.92 -8.07
N ILE A 240 -2.85 25.67 -7.15
CA ILE A 240 -2.79 26.39 -5.87
C ILE A 240 -2.48 25.36 -4.79
N GLY A 241 -1.52 25.70 -3.94
CA GLY A 241 -1.17 24.81 -2.85
C GLY A 241 -1.56 25.36 -1.47
N LEU A 242 -2.39 24.61 -0.74
CA LEU A 242 -2.80 24.98 0.61
C LEU A 242 -2.03 24.05 1.54
N LYS A 243 -1.64 24.53 2.70
CA LYS A 243 -0.89 23.71 3.60
C LYS A 243 -1.08 24.06 5.04
N GLU A 244 -1.10 23.03 5.89
CA GLU A 244 -1.17 23.28 7.32
C GLU A 244 -0.19 22.38 8.06
N LEU A 245 0.29 22.85 9.21
CA LEU A 245 1.21 22.07 10.03
C LEU A 245 0.42 21.44 11.16
N TRP A 246 0.73 20.19 11.47
CA TRP A 246 0.05 19.52 12.55
C TRP A 246 0.99 18.83 13.55
N VAL A 247 0.56 18.82 14.80
CA VAL A 247 1.27 18.09 15.84
C VAL A 247 0.33 16.89 16.06
N ILE A 248 0.83 15.69 15.87
CA ILE A 248 0.00 14.51 16.05
C ILE A 248 0.45 13.58 17.18
N ASP A 249 -0.40 12.57 17.46
CA ASP A 249 -0.16 11.54 18.47
C ASP A 249 1.14 10.78 18.08
N GLU A 250 2.10 10.67 19.00
CA GLU A 250 3.37 9.96 18.71
C GLU A 250 3.07 8.62 18.06
N LYS A 251 2.01 7.95 18.52
CA LYS A 251 1.63 6.64 18.03
C LYS A 251 1.32 6.58 16.53
N LYS A 252 1.04 7.73 15.93
CA LYS A 252 0.75 7.73 14.51
C LYS A 252 1.83 8.47 13.69
N TRP A 253 2.92 8.85 14.37
CA TRP A 253 4.04 9.56 13.78
C TRP A 253 5.04 8.58 13.17
N LYS A 254 5.23 8.65 11.87
CA LYS A 254 6.12 7.73 11.15
C LYS A 254 7.20 8.54 10.44
N PRO A 255 8.17 9.07 11.20
CA PRO A 255 9.27 9.89 10.65
C PRO A 255 9.95 9.37 9.38
N GLY A 256 10.08 10.24 8.40
CA GLY A 256 10.71 9.85 7.16
C GLY A 256 9.70 9.42 6.11
N ARG A 257 8.44 9.32 6.51
CA ARG A 257 7.40 8.89 5.60
C ARG A 257 6.83 10.03 4.75
N VAL A 258 6.70 9.74 3.45
CA VAL A 258 6.17 10.67 2.46
C VAL A 258 4.94 10.08 1.75
N ASP A 259 3.78 10.67 1.99
CA ASP A 259 2.52 10.23 1.37
C ASP A 259 1.96 11.19 0.30
N HIS A 260 1.35 10.60 -0.71
CA HIS A 260 0.73 11.38 -1.78
C HIS A 260 -0.57 10.68 -2.17
N THR A 261 -1.58 11.42 -2.63
CA THR A 261 -2.81 10.77 -3.08
C THR A 261 -3.50 11.54 -4.20
N VAL A 262 -4.30 10.85 -5.00
CA VAL A 262 -5.03 11.51 -6.05
C VAL A 262 -6.41 10.92 -5.94
N GLY A 263 -7.35 11.46 -6.70
CA GLY A 263 -8.70 10.94 -6.62
C GLY A 263 -9.54 11.79 -5.71
N TRP A 264 -10.53 11.17 -5.07
CA TRP A 264 -11.46 11.87 -4.15
C TRP A 264 -10.67 12.87 -3.31
N PRO A 265 -11.23 14.06 -3.05
CA PRO A 265 -12.55 14.55 -3.45
C PRO A 265 -12.63 15.18 -4.84
N LEU A 266 -11.57 15.02 -5.63
CA LEU A 266 -11.64 15.58 -6.98
C LEU A 266 -12.19 14.62 -8.06
N ASP A 267 -12.99 15.17 -8.97
CA ASP A 267 -13.50 14.39 -10.07
C ASP A 267 -12.26 14.15 -10.98
N ARG A 268 -12.33 13.19 -11.90
CA ARG A 268 -11.23 12.84 -12.79
C ARG A 268 -10.71 13.95 -13.71
N HIS A 269 -11.53 14.96 -13.98
CA HIS A 269 -11.09 16.04 -14.85
C HIS A 269 -10.52 17.25 -14.08
N THR A 270 -10.40 17.14 -12.78
CA THR A 270 -9.83 18.21 -11.99
C THR A 270 -8.50 17.73 -11.46
N TYR A 271 -7.42 18.35 -11.93
CA TYR A 271 -6.07 18.00 -11.52
C TYR A 271 -5.80 18.49 -10.08
N GLY A 272 -5.24 17.59 -9.26
CA GLY A 272 -4.91 17.95 -7.91
C GLY A 272 -4.60 16.77 -7.01
N GLY A 273 -4.12 17.04 -5.82
CA GLY A 273 -3.82 15.93 -4.94
C GLY A 273 -3.29 16.37 -3.60
N SER A 274 -2.96 15.40 -2.77
CA SER A 274 -2.47 15.69 -1.44
C SER A 274 -1.03 15.30 -1.22
N PHE A 275 -0.48 15.78 -0.11
CA PHE A 275 0.87 15.45 0.26
C PHE A 275 0.85 15.42 1.78
N LEU A 276 1.57 14.49 2.37
CA LEU A 276 1.61 14.36 3.82
C LEU A 276 2.98 13.79 4.14
N TYR A 277 3.81 14.61 4.80
CA TYR A 277 5.16 14.22 5.11
C TYR A 277 5.43 14.21 6.62
N HIS A 278 6.01 13.14 7.15
CA HIS A 278 6.30 13.09 8.59
C HIS A 278 7.70 13.67 8.84
N LEU A 279 7.76 14.81 9.53
CA LEU A 279 9.04 15.46 9.84
C LEU A 279 9.76 14.68 10.96
N ASN A 280 11.08 14.73 10.95
CA ASN A 280 11.86 14.03 11.96
C ASN A 280 12.80 15.02 12.65
N GLU A 281 12.23 16.14 13.12
CA GLU A 281 13.03 17.15 13.79
C GLU A 281 12.73 17.25 15.29
N GLY A 282 12.38 16.13 15.91
CA GLY A 282 12.13 16.15 17.33
C GLY A 282 10.71 16.10 17.84
N GLU A 283 9.78 16.70 17.11
CA GLU A 283 8.37 16.71 17.52
C GLU A 283 7.66 15.73 16.57
N PRO A 284 6.49 15.22 16.97
CA PRO A 284 5.71 14.29 16.13
C PRO A 284 4.90 15.28 15.25
N LEU A 285 5.60 15.80 14.24
CA LEU A 285 5.09 16.83 13.35
C LEU A 285 4.79 16.42 11.92
N LEU A 286 3.73 17.00 11.37
CA LEU A 286 3.33 16.69 10.01
C LEU A 286 3.16 17.90 9.14
N ALA A 287 3.74 17.89 7.95
CA ALA A 287 3.52 18.97 6.99
C ALA A 287 2.55 18.36 5.99
N LEU A 288 1.34 18.92 5.85
CA LEU A 288 0.40 18.34 4.90
C LEU A 288 -0.30 19.40 4.08
N GLY A 289 -0.90 18.97 2.97
CA GLY A 289 -1.56 19.94 2.14
C GLY A 289 -2.25 19.43 0.89
N PHE A 290 -2.77 20.36 0.10
CA PHE A 290 -3.52 19.97 -1.07
C PHE A 290 -3.24 20.90 -2.27
N VAL A 291 -3.27 20.31 -3.46
CA VAL A 291 -3.04 21.07 -4.67
C VAL A 291 -4.19 20.91 -5.66
N VAL A 292 -4.51 22.00 -6.34
CA VAL A 292 -5.56 22.01 -7.34
C VAL A 292 -5.08 22.86 -8.52
N GLY A 293 -5.16 22.28 -9.72
CA GLY A 293 -4.77 23.01 -10.90
C GLY A 293 -5.80 24.09 -11.13
N LEU A 294 -5.28 25.28 -11.40
CA LEU A 294 -6.12 26.43 -11.62
C LEU A 294 -6.75 26.35 -12.98
N ASP A 295 -6.62 25.20 -13.62
CA ASP A 295 -7.21 24.99 -14.92
C ASP A 295 -8.55 24.29 -14.69
N TYR A 296 -9.04 24.31 -13.45
CA TYR A 296 -10.31 23.64 -13.17
C TYR A 296 -11.48 24.36 -13.83
N GLN A 297 -12.53 23.60 -14.17
CA GLN A 297 -13.67 24.19 -14.89
C GLN A 297 -14.89 24.70 -14.14
N ASN A 298 -15.17 24.10 -12.97
CA ASN A 298 -16.34 24.49 -12.19
C ASN A 298 -16.14 25.73 -11.36
N PRO A 299 -16.93 26.77 -11.63
CA PRO A 299 -16.87 28.04 -10.92
C PRO A 299 -17.25 27.87 -9.44
N TYR A 300 -17.90 26.76 -9.11
CA TYR A 300 -18.32 26.52 -7.74
C TYR A 300 -17.25 25.83 -6.90
N LEU A 301 -16.20 25.32 -7.51
CA LEU A 301 -15.16 24.63 -6.76
C LEU A 301 -14.32 25.54 -5.88
N SER A 302 -14.03 25.06 -4.67
CA SER A 302 -13.22 25.82 -3.72
C SER A 302 -12.05 24.98 -3.30
N PRO A 303 -10.86 25.35 -3.76
CA PRO A 303 -9.68 24.57 -3.36
C PRO A 303 -9.52 24.46 -1.81
N PHE A 304 -9.92 25.47 -1.05
CA PHE A 304 -9.80 25.42 0.42
C PHE A 304 -10.76 24.33 1.00
N ARG A 305 -11.98 24.34 0.54
CA ARG A 305 -12.97 23.40 0.98
C ARG A 305 -12.62 21.98 0.54
N GLU A 306 -11.96 21.86 -0.63
CA GLU A 306 -11.56 20.55 -1.13
C GLU A 306 -10.52 19.98 -0.16
N PHE A 307 -9.57 20.82 0.23
CA PHE A 307 -8.51 20.44 1.15
C PHE A 307 -9.04 20.06 2.56
N GLN A 308 -9.92 20.90 3.09
CA GLN A 308 -10.48 20.69 4.42
C GLN A 308 -11.32 19.41 4.45
N ARG A 309 -12.00 19.15 3.34
CA ARG A 309 -12.86 17.99 3.16
C ARG A 309 -12.02 16.75 2.92
N TRP A 310 -10.87 16.94 2.29
CA TRP A 310 -9.95 15.83 1.99
C TRP A 310 -9.44 15.14 3.26
N LYS A 311 -9.26 15.92 4.32
CA LYS A 311 -8.72 15.41 5.59
C LYS A 311 -9.65 14.41 6.25
N HIS A 312 -10.93 14.42 5.89
CA HIS A 312 -11.89 13.49 6.49
C HIS A 312 -11.89 12.10 5.88
N HIS A 313 -11.21 11.92 4.75
CA HIS A 313 -11.17 10.61 4.12
C HIS A 313 -10.71 9.61 5.17
N PRO A 314 -11.31 8.41 5.19
CA PRO A 314 -10.94 7.43 6.20
C PRO A 314 -9.50 6.98 6.29
N SER A 315 -8.71 7.24 5.27
CA SER A 315 -7.34 6.80 5.36
C SER A 315 -6.48 7.90 5.95
N ILE A 316 -7.06 9.07 6.12
CA ILE A 316 -6.30 10.18 6.66
C ILE A 316 -6.77 10.69 8.02
N LYS A 317 -8.08 10.82 8.20
CA LYS A 317 -8.63 11.34 9.45
C LYS A 317 -8.08 10.68 10.71
N PRO A 318 -8.00 9.34 10.75
CA PRO A 318 -7.46 8.70 11.97
C PRO A 318 -6.07 9.21 12.33
N THR A 319 -5.30 9.57 11.33
CA THR A 319 -3.96 10.04 11.56
C THR A 319 -3.95 11.39 12.27
N LEU A 320 -4.90 12.27 11.94
CA LEU A 320 -4.88 13.55 12.62
C LEU A 320 -5.86 13.66 13.78
N GLU A 321 -6.51 12.55 14.09
CA GLU A 321 -7.46 12.48 15.18
C GLU A 321 -6.69 12.67 16.49
N GLY A 322 -7.16 13.60 17.32
CA GLY A 322 -6.48 13.88 18.55
C GLY A 322 -5.29 14.78 18.30
N GLY A 323 -5.18 15.27 17.08
CA GLY A 323 -4.07 16.14 16.74
C GLY A 323 -4.40 17.60 16.89
N LYS A 324 -3.40 18.43 16.67
CA LYS A 324 -3.52 19.87 16.82
C LYS A 324 -3.00 20.56 15.53
N ARG A 325 -3.79 21.46 14.95
CA ARG A 325 -3.35 22.17 13.75
C ARG A 325 -2.72 23.49 14.22
N ILE A 326 -1.44 23.69 13.91
CA ILE A 326 -0.75 24.89 14.36
C ILE A 326 -0.38 25.98 13.35
N ALA A 327 -0.62 25.77 12.07
CA ALA A 327 -0.30 26.78 11.09
C ALA A 327 -1.07 26.48 9.81
N TYR A 328 -1.24 27.51 8.98
CA TYR A 328 -1.96 27.39 7.71
C TYR A 328 -1.35 28.41 6.73
N GLY A 329 -1.26 28.01 5.46
CA GLY A 329 -0.74 28.91 4.44
C GLY A 329 -1.15 28.40 3.06
N ALA A 330 -0.92 29.22 2.05
CA ALA A 330 -1.27 28.85 0.69
C ALA A 330 -0.35 29.58 -0.28
N ARG A 331 0.02 28.94 -1.38
CA ARG A 331 0.89 29.56 -2.39
C ARG A 331 0.49 28.92 -3.70
N ALA A 332 0.56 29.68 -4.79
CA ALA A 332 0.43 29.09 -6.11
C ALA A 332 1.76 28.46 -6.55
N LEU A 333 1.69 27.47 -7.42
CA LEU A 333 2.87 26.84 -7.93
C LEU A 333 2.77 26.67 -9.42
N ASN A 334 3.90 26.45 -10.07
CA ASN A 334 3.88 26.23 -11.52
C ASN A 334 3.68 24.76 -11.85
N GLU A 335 2.94 24.51 -12.93
CA GLU A 335 2.79 23.16 -13.42
C GLU A 335 2.86 23.08 -14.95
N GLY A 336 3.21 24.22 -15.56
CA GLY A 336 3.35 24.30 -17.00
C GLY A 336 4.64 23.64 -17.48
N GLY A 337 5.57 23.50 -16.55
CA GLY A 337 6.84 22.87 -16.86
C GLY A 337 7.60 23.41 -18.05
N PHE A 338 8.31 22.50 -18.69
CA PHE A 338 9.15 22.76 -19.84
C PHE A 338 8.58 23.61 -20.99
N GLN A 339 7.34 23.34 -21.37
CA GLN A 339 6.69 24.06 -22.49
C GLN A 339 6.47 25.52 -22.18
N SER A 340 6.42 25.85 -20.89
CA SER A 340 6.16 27.21 -20.42
C SER A 340 7.36 28.07 -20.04
N ILE A 341 8.59 27.59 -20.22
CA ILE A 341 9.74 28.42 -19.86
C ILE A 341 10.02 29.56 -20.87
N PRO A 342 9.90 30.82 -20.41
CA PRO A 342 10.12 32.00 -21.26
C PRO A 342 11.63 32.28 -21.42
N LYS A 343 11.95 33.34 -22.15
CA LYS A 343 13.32 33.76 -22.35
C LYS A 343 13.67 34.31 -20.98
N LEU A 344 14.82 33.92 -20.43
CA LEU A 344 15.20 34.35 -19.09
C LEU A 344 16.15 35.53 -19.00
N THR A 345 16.41 36.18 -20.13
CA THR A 345 17.37 37.23 -20.12
C THR A 345 16.95 38.47 -20.89
N PHE A 346 17.48 39.60 -20.47
CA PHE A 346 17.18 40.84 -21.16
C PHE A 346 18.19 41.87 -20.71
N PRO A 347 18.34 42.96 -21.47
CA PRO A 347 19.32 43.99 -21.09
C PRO A 347 19.03 44.51 -19.68
N GLY A 348 19.97 44.29 -18.78
CA GLY A 348 19.85 44.75 -17.41
C GLY A 348 19.30 43.77 -16.36
N GLY A 349 18.93 42.55 -16.74
CA GLY A 349 18.38 41.61 -15.76
C GLY A 349 18.18 40.15 -16.16
N LEU A 350 17.92 39.32 -15.15
CA LEU A 350 17.74 37.87 -15.31
C LEU A 350 16.54 37.36 -14.52
N LEU A 351 15.99 36.24 -14.96
CA LEU A 351 14.88 35.58 -14.29
C LEU A 351 15.36 34.20 -13.82
N ILE A 352 15.14 33.90 -12.54
CA ILE A 352 15.53 32.60 -11.99
C ILE A 352 14.43 32.03 -11.10
N GLY A 353 14.56 30.76 -10.73
CA GLY A 353 13.57 30.15 -9.86
C GLY A 353 12.17 29.94 -10.45
N CYS A 354 11.17 29.86 -9.58
CA CYS A 354 9.85 29.61 -10.09
C CYS A 354 9.10 30.77 -10.74
N SER A 355 9.73 31.93 -10.77
CA SER A 355 9.18 33.11 -11.40
C SER A 355 9.11 32.69 -12.87
N PRO A 356 10.25 32.25 -13.43
CA PRO A 356 10.16 31.84 -14.83
C PRO A 356 9.58 30.43 -14.81
N GLY A 357 9.95 29.69 -13.79
CA GLY A 357 9.41 28.38 -13.61
C GLY A 357 10.21 27.18 -14.06
N PHE A 358 10.83 26.49 -13.11
CA PHE A 358 11.59 25.26 -13.37
C PHE A 358 11.06 24.11 -12.54
N MET A 359 9.76 24.11 -12.30
CA MET A 359 9.17 23.06 -11.47
C MET A 359 8.93 21.73 -12.16
N ASN A 360 9.38 20.65 -11.53
CA ASN A 360 9.13 19.30 -12.07
C ASN A 360 7.79 18.94 -11.44
N VAL A 361 6.70 19.03 -12.20
CA VAL A 361 5.42 18.76 -11.55
C VAL A 361 5.11 17.36 -11.07
N PRO A 362 5.55 16.33 -11.81
CA PRO A 362 5.24 14.95 -11.35
C PRO A 362 6.04 14.53 -10.12
N LYS A 363 7.12 15.24 -9.86
CA LYS A 363 7.97 14.97 -8.72
C LYS A 363 7.52 15.92 -7.60
N ILE A 364 6.80 16.97 -8.01
CA ILE A 364 6.37 18.06 -7.15
C ILE A 364 7.63 18.72 -6.58
N LYS A 365 8.59 18.98 -7.43
CA LYS A 365 9.81 19.58 -6.96
C LYS A 365 10.29 20.72 -7.85
N GLY A 366 10.52 21.86 -7.24
CA GLY A 366 11.00 23.00 -8.00
C GLY A 366 12.07 23.75 -7.25
N THR A 367 12.39 23.27 -6.05
CA THR A 367 13.39 23.95 -5.23
C THR A 367 14.81 23.67 -5.63
N HIS A 368 15.10 22.42 -5.96
CA HIS A 368 16.45 22.04 -6.37
C HIS A 368 16.80 22.76 -7.69
N THR A 369 15.87 22.79 -8.66
CA THR A 369 16.12 23.46 -9.94
C THR A 369 16.17 24.99 -9.79
N ALA A 370 15.41 25.52 -8.84
CA ALA A 370 15.42 26.95 -8.60
C ALA A 370 16.77 27.30 -8.02
N MET A 371 17.30 26.42 -7.19
CA MET A 371 18.62 26.67 -6.61
C MET A 371 19.70 26.66 -7.68
N LYS A 372 19.68 25.63 -8.52
CA LYS A 372 20.68 25.52 -9.58
C LYS A 372 20.65 26.69 -10.54
N SER A 373 19.46 27.21 -10.82
CA SER A 373 19.36 28.34 -11.72
C SER A 373 20.02 29.57 -11.07
N GLY A 374 19.91 29.66 -9.75
CA GLY A 374 20.49 30.78 -9.02
C GLY A 374 22.01 30.65 -9.00
N THR A 375 22.48 29.41 -8.89
CA THR A 375 23.90 29.13 -8.89
C THR A 375 24.50 29.50 -10.25
N LEU A 376 23.80 29.10 -11.32
CA LEU A 376 24.29 29.35 -12.67
C LEU A 376 24.22 30.81 -13.06
N ALA A 377 23.15 31.50 -12.69
CA ALA A 377 23.03 32.89 -13.04
C ALA A 377 24.16 33.67 -12.37
N ALA A 378 24.53 33.25 -11.16
CA ALA A 378 25.61 33.90 -10.42
C ALA A 378 26.95 33.72 -11.13
N GLU A 379 27.28 32.47 -11.41
CA GLU A 379 28.52 32.16 -12.06
C GLU A 379 28.64 32.96 -13.35
N SER A 380 27.57 32.98 -14.14
CA SER A 380 27.58 33.73 -15.41
C SER A 380 27.73 35.26 -15.25
N ILE A 381 27.08 35.84 -14.25
CA ILE A 381 27.15 37.27 -14.01
C ILE A 381 28.55 37.65 -13.56
N PHE A 382 29.05 36.97 -12.54
CA PHE A 382 30.38 37.26 -12.02
C PHE A 382 31.28 37.15 -13.22
N ASN A 383 31.00 36.17 -14.07
CA ASN A 383 31.82 35.99 -15.24
C ASN A 383 31.89 37.23 -16.14
N GLN A 384 30.76 37.91 -16.30
CA GLN A 384 30.71 39.12 -17.14
C GLN A 384 31.25 40.37 -16.44
N LEU A 385 31.20 40.38 -15.11
CA LEU A 385 31.70 41.51 -14.34
C LEU A 385 33.23 41.41 -14.25
N THR A 386 33.75 40.20 -14.40
CA THR A 386 35.18 39.96 -14.32
C THR A 386 35.98 39.96 -15.60
N SER A 387 35.47 40.56 -16.66
CA SER A 387 36.20 40.60 -17.92
C SER A 387 36.22 42.03 -18.39
N GLU A 388 36.48 42.22 -19.67
CA GLU A 388 36.38 43.53 -20.33
C GLU A 388 35.30 42.99 -21.25
N ASN A 389 35.69 42.60 -22.46
CA ASN A 389 34.75 42.03 -23.45
C ASN A 389 33.34 42.57 -23.25
N LEU A 390 33.38 43.88 -23.41
CA LEU A 390 32.31 44.85 -23.29
C LEU A 390 31.17 44.81 -24.31
N GLN A 391 29.99 44.58 -23.77
CA GLN A 391 28.78 44.55 -24.58
C GLN A 391 28.06 45.84 -24.30
N SER A 392 27.53 46.39 -25.37
CA SER A 392 26.88 47.62 -25.15
C SER A 392 25.60 48.04 -25.79
N LYS A 393 25.43 49.30 -25.44
CA LYS A 393 24.36 50.24 -25.60
C LYS A 393 23.02 49.65 -25.21
N THR A 394 23.19 49.49 -23.89
CA THR A 394 22.40 49.02 -22.79
C THR A 394 23.53 49.14 -21.75
N ILE A 395 23.32 50.07 -20.83
CA ILE A 395 24.24 50.32 -19.75
C ILE A 395 24.08 49.06 -18.93
N GLY A 396 22.92 48.44 -19.04
CA GLY A 396 22.68 47.23 -18.31
C GLY A 396 23.12 46.02 -19.09
N LEU A 397 23.80 45.10 -18.41
CA LEU A 397 24.31 43.88 -19.02
C LEU A 397 23.22 42.92 -19.45
N HIS A 398 23.49 42.22 -20.54
CA HIS A 398 22.59 41.23 -21.09
C HIS A 398 23.40 39.94 -20.95
N VAL A 399 23.23 39.29 -19.81
CA VAL A 399 23.96 38.07 -19.52
C VAL A 399 23.29 36.86 -20.16
N THR A 400 23.34 36.82 -21.49
CA THR A 400 22.73 35.75 -22.26
C THR A 400 23.39 34.41 -21.99
N GLU A 401 24.63 34.44 -21.56
CA GLU A 401 25.32 33.19 -21.29
C GLU A 401 24.57 32.39 -20.21
N TYR A 402 23.80 33.06 -19.36
CA TYR A 402 23.03 32.37 -18.32
C TYR A 402 22.08 31.31 -18.91
N GLU A 403 21.28 31.71 -19.90
CA GLU A 403 20.33 30.79 -20.51
C GLU A 403 21.09 29.72 -21.28
N ASP A 404 22.22 30.07 -21.89
CA ASP A 404 23.00 29.07 -22.61
C ASP A 404 23.40 27.98 -21.63
N ASN A 405 23.94 28.36 -20.48
CA ASN A 405 24.38 27.35 -19.52
C ASN A 405 23.27 26.59 -18.81
N LEU A 406 22.15 27.26 -18.58
CA LEU A 406 21.02 26.58 -17.97
C LEU A 406 20.55 25.49 -18.96
N LYS A 407 20.48 25.83 -20.24
CA LYS A 407 20.05 24.87 -21.25
C LYS A 407 20.95 23.64 -21.30
N ASN A 408 22.19 23.79 -20.86
CA ASN A 408 23.11 22.66 -20.85
C ASN A 408 23.31 21.94 -19.53
N SER A 409 22.59 22.37 -18.49
CA SER A 409 22.70 21.76 -17.19
C SER A 409 21.66 20.65 -17.04
N TRP A 410 21.78 19.85 -15.99
CA TRP A 410 20.85 18.76 -15.77
C TRP A 410 19.42 19.28 -15.63
N VAL A 411 19.29 20.55 -15.24
CA VAL A 411 17.97 21.13 -15.07
C VAL A 411 17.14 20.99 -16.34
N TRP A 412 17.75 21.32 -17.47
CA TRP A 412 17.04 21.27 -18.73
C TRP A 412 16.54 19.90 -19.13
N LYS A 413 17.38 18.88 -19.01
CA LYS A 413 16.99 17.54 -19.36
C LYS A 413 15.98 16.94 -18.37
N GLU A 414 16.01 17.38 -17.12
CA GLU A 414 15.07 16.84 -16.14
C GLU A 414 13.66 17.29 -16.48
N LEU A 415 13.55 18.60 -16.76
CA LEU A 415 12.27 19.17 -17.10
C LEU A 415 11.83 18.66 -18.47
N TYR A 416 12.77 18.47 -19.38
CA TYR A 416 12.35 17.97 -20.66
C TYR A 416 11.76 16.56 -20.55
N SER A 417 12.38 15.71 -19.73
CA SER A 417 11.92 14.33 -19.62
C SER A 417 10.53 14.09 -19.07
N VAL A 418 10.03 15.02 -18.24
CA VAL A 418 8.70 14.86 -17.64
C VAL A 418 7.68 15.87 -18.20
N ARG A 419 8.04 16.46 -19.34
CA ARG A 419 7.20 17.46 -19.99
C ARG A 419 5.78 17.05 -20.39
N ASN A 420 5.58 15.78 -20.74
CA ASN A 420 4.27 15.38 -21.19
C ASN A 420 3.37 14.82 -20.12
N ILE A 421 3.87 14.67 -18.91
CA ILE A 421 3.03 14.09 -17.90
C ILE A 421 1.81 14.95 -17.52
N ARG A 422 1.98 16.22 -17.17
CA ARG A 422 0.81 17.05 -16.82
C ARG A 422 -0.23 17.26 -17.94
N PRO A 423 0.22 17.52 -19.18
CA PRO A 423 -0.69 17.73 -20.32
C PRO A 423 -1.42 16.46 -20.69
N SER A 424 -0.81 15.32 -20.44
CA SER A 424 -1.48 14.06 -20.77
C SER A 424 -2.72 13.84 -19.92
N CYS A 425 -2.96 14.72 -18.95
CA CYS A 425 -4.12 14.58 -18.08
C CYS A 425 -5.39 15.17 -18.68
N HIS A 426 -5.29 15.70 -19.90
CA HIS A 426 -6.46 16.30 -20.54
C HIS A 426 -7.30 15.36 -21.39
N GLY A 427 -7.04 14.07 -21.29
CA GLY A 427 -7.81 13.12 -22.07
C GLY A 427 -9.15 12.79 -21.45
N ILE A 428 -9.90 11.88 -22.05
CA ILE A 428 -11.19 11.49 -21.52
C ILE A 428 -11.12 10.83 -20.14
N LEU A 429 -9.97 10.27 -19.78
CA LEU A 429 -9.84 9.65 -18.48
C LEU A 429 -9.25 10.62 -17.47
N GLY A 430 -9.03 11.85 -17.91
CA GLY A 430 -8.47 12.85 -17.02
C GLY A 430 -7.18 12.44 -16.33
N VAL A 431 -7.12 12.63 -15.02
CA VAL A 431 -5.91 12.30 -14.28
C VAL A 431 -5.56 10.80 -14.33
N TYR A 432 -6.55 9.94 -14.56
CA TYR A 432 -6.24 8.52 -14.61
C TYR A 432 -5.60 8.23 -15.97
N GLY A 433 -5.89 9.07 -16.95
CA GLY A 433 -5.29 8.87 -18.26
C GLY A 433 -3.85 9.27 -18.16
N GLY A 434 -3.60 10.26 -17.31
CA GLY A 434 -2.26 10.76 -17.08
C GLY A 434 -1.40 9.72 -16.42
N MET A 435 -1.99 8.97 -15.49
CA MET A 435 -1.26 7.92 -14.82
C MET A 435 -0.90 6.82 -15.80
N ILE A 436 -1.85 6.49 -16.67
CA ILE A 436 -1.61 5.46 -17.66
C ILE A 436 -0.48 5.90 -18.59
N TYR A 437 -0.55 7.16 -19.01
CA TYR A 437 0.45 7.69 -19.88
C TYR A 437 1.83 7.70 -19.20
N THR A 438 1.86 7.92 -17.90
CA THR A 438 3.10 7.94 -17.13
C THR A 438 3.69 6.51 -17.06
N GLY A 439 2.86 5.47 -16.94
CA GLY A 439 3.39 4.12 -16.87
C GLY A 439 4.03 3.66 -18.18
N ILE A 440 3.51 4.16 -19.28
CA ILE A 440 3.97 3.79 -20.59
C ILE A 440 5.16 4.60 -21.06
N PHE A 441 4.94 5.89 -21.20
CA PHE A 441 5.97 6.74 -21.75
C PHE A 441 7.05 7.27 -20.84
N TYR A 442 6.86 7.09 -19.55
CA TYR A 442 7.90 7.54 -18.64
C TYR A 442 8.51 6.31 -17.99
N TRP A 443 7.71 5.57 -17.22
CA TRP A 443 8.23 4.38 -16.58
C TRP A 443 8.93 3.45 -17.59
N ILE A 444 8.35 3.26 -18.77
CA ILE A 444 8.99 2.37 -19.74
C ILE A 444 9.93 3.08 -20.71
N PHE A 445 9.51 4.22 -21.24
CA PHE A 445 10.32 4.96 -22.19
C PHE A 445 11.04 6.20 -21.70
N ARG A 446 11.01 6.45 -20.39
CA ARG A 446 11.69 7.61 -19.80
C ARG A 446 11.51 8.92 -20.59
N GLY A 447 10.32 9.10 -21.17
CA GLY A 447 10.04 10.31 -21.91
C GLY A 447 10.79 10.48 -23.22
N MET A 448 11.13 9.38 -23.89
CA MET A 448 11.88 9.46 -25.14
C MET A 448 11.00 9.72 -26.36
N GLU A 449 9.71 9.46 -26.20
CA GLU A 449 8.64 9.69 -27.20
C GLU A 449 9.05 10.89 -28.07
N PRO A 450 8.89 10.77 -29.39
CA PRO A 450 9.25 11.82 -30.34
C PRO A 450 8.27 12.96 -30.52
N TRP A 451 7.78 13.52 -29.41
CA TRP A 451 6.82 14.63 -29.43
C TRP A 451 6.64 15.31 -28.08
N THR A 452 6.07 16.51 -28.10
CA THR A 452 5.82 17.29 -26.90
C THR A 452 4.36 17.74 -26.92
N LEU A 453 3.60 17.36 -25.89
CA LEU A 453 2.18 17.71 -25.80
C LEU A 453 2.02 19.16 -25.40
N LYS A 454 0.86 19.74 -25.71
CA LYS A 454 0.58 21.15 -25.36
C LYS A 454 -0.43 21.23 -24.24
N HIS A 455 -0.50 22.39 -23.59
CA HIS A 455 -1.43 22.67 -22.50
C HIS A 455 -2.70 23.17 -23.15
N LYS A 456 -3.80 23.28 -22.41
CA LYS A 456 -5.05 23.74 -23.03
C LYS A 456 -5.20 25.25 -23.11
N GLY A 457 -4.16 26.00 -22.76
CA GLY A 457 -4.25 27.46 -22.80
C GLY A 457 -4.07 28.11 -21.42
N SER A 458 -4.68 29.27 -21.22
CA SER A 458 -4.54 29.93 -19.92
C SER A 458 -5.54 29.40 -18.95
N ASP A 459 -5.12 29.17 -17.70
CA ASP A 459 -6.00 28.69 -16.64
C ASP A 459 -7.21 29.61 -16.54
N SER A 460 -6.99 30.91 -16.76
CA SER A 460 -8.06 31.93 -16.72
C SER A 460 -9.22 31.70 -17.68
N ASP A 461 -9.03 31.14 -18.86
CA ASP A 461 -10.24 30.91 -19.65
C ASP A 461 -10.69 29.45 -19.65
N GLN A 462 -10.52 28.75 -18.53
CA GLN A 462 -10.90 27.36 -18.43
C GLN A 462 -12.22 27.24 -17.65
N LEU A 463 -12.68 28.34 -17.09
CA LEU A 463 -13.96 28.32 -16.37
C LEU A 463 -15.23 28.24 -17.21
N LYS A 464 -16.19 27.44 -16.76
CA LYS A 464 -17.46 27.36 -17.46
C LYS A 464 -18.41 28.31 -16.79
N PRO A 465 -19.50 28.68 -17.47
CA PRO A 465 -20.44 29.59 -16.83
C PRO A 465 -21.15 28.81 -15.69
N ALA A 466 -21.49 29.50 -14.62
CA ALA A 466 -22.15 28.87 -13.48
C ALA A 466 -23.50 28.20 -13.84
N LYS A 467 -24.26 28.82 -14.74
CA LYS A 467 -25.53 28.25 -15.12
C LYS A 467 -25.37 26.88 -15.78
N ASP A 468 -24.21 26.62 -16.38
CA ASP A 468 -23.98 25.32 -17.02
C ASP A 468 -23.44 24.26 -16.09
N CYS A 469 -23.01 24.68 -14.90
CA CYS A 469 -22.48 23.77 -13.88
C CYS A 469 -23.40 23.56 -12.66
N THR A 470 -23.06 22.56 -11.86
CA THR A 470 -23.79 22.20 -10.64
C THR A 470 -22.95 22.59 -9.41
N PRO A 471 -23.53 23.37 -8.49
CA PRO A 471 -22.76 23.75 -7.29
C PRO A 471 -22.28 22.52 -6.54
N ILE A 472 -21.17 22.65 -5.82
CA ILE A 472 -20.64 21.54 -5.07
C ILE A 472 -21.03 21.71 -3.60
N GLU A 473 -21.60 20.66 -3.02
CA GLU A 473 -22.02 20.72 -1.61
C GLU A 473 -20.92 20.33 -0.66
N TYR A 474 -20.23 21.32 -0.11
CA TYR A 474 -19.15 21.04 0.84
C TYR A 474 -19.67 20.87 2.28
N PRO A 475 -19.05 19.96 3.04
CA PRO A 475 -19.49 19.74 4.42
C PRO A 475 -19.08 20.92 5.29
N LYS A 476 -19.81 21.11 6.41
CA LYS A 476 -19.47 22.18 7.35
C LYS A 476 -18.26 21.68 8.14
N PRO A 477 -17.30 22.57 8.39
CA PRO A 477 -16.12 22.16 9.14
C PRO A 477 -16.53 21.71 10.54
N ASP A 478 -15.76 20.79 11.13
CA ASP A 478 -16.12 20.30 12.44
C ASP A 478 -15.29 20.87 13.58
N GLY A 479 -14.39 21.78 13.22
CA GLY A 479 -13.54 22.44 14.21
C GLY A 479 -12.42 21.61 14.78
N GLN A 480 -12.35 20.33 14.40
CA GLN A 480 -11.30 19.47 14.90
C GLN A 480 -10.44 18.92 13.77
N ILE A 481 -11.05 18.42 12.71
CA ILE A 481 -10.25 17.95 11.57
C ILE A 481 -10.32 18.97 10.44
N SER A 482 -11.49 19.58 10.26
CA SER A 482 -11.75 20.59 9.24
C SER A 482 -12.08 21.94 9.87
N PHE A 483 -11.58 23.03 9.30
CA PHE A 483 -11.83 24.34 9.87
C PHE A 483 -12.33 25.35 8.85
N ASP A 484 -12.77 26.51 9.34
CA ASP A 484 -13.22 27.56 8.45
C ASP A 484 -12.01 28.39 7.96
N LEU A 485 -12.29 29.32 7.07
CA LEU A 485 -11.29 30.20 6.48
C LEU A 485 -10.70 31.20 7.47
N LEU A 486 -11.57 31.83 8.27
CA LEU A 486 -11.09 32.82 9.25
C LEU A 486 -10.06 32.25 10.25
N SER A 487 -10.35 31.10 10.84
CA SER A 487 -9.39 30.53 11.78
C SER A 487 -8.12 30.20 11.00
N SER A 488 -8.30 29.69 9.79
CA SER A 488 -7.15 29.35 8.97
C SER A 488 -6.28 30.59 8.71
N VAL A 489 -6.91 31.70 8.35
CA VAL A 489 -6.15 32.91 8.11
C VAL A 489 -5.40 33.32 9.38
N ALA A 490 -5.99 33.11 10.55
CA ALA A 490 -5.31 33.45 11.80
C ALA A 490 -4.06 32.61 12.00
N LEU A 491 -4.10 31.33 11.64
CA LEU A 491 -2.90 30.51 11.80
C LEU A 491 -1.83 30.79 10.72
N SER A 492 -2.05 31.81 9.89
CA SER A 492 -1.04 32.18 8.89
C SER A 492 -0.29 33.37 9.44
N GLY A 493 -0.85 34.01 10.46
CA GLY A 493 -0.22 35.18 11.05
C GLY A 493 -0.05 36.32 10.08
N THR A 494 -0.82 36.31 9.00
CA THR A 494 -0.73 37.35 7.98
C THR A 494 -1.37 38.63 8.46
N ASN A 495 -0.76 39.76 8.12
CA ASN A 495 -1.33 41.06 8.46
C ASN A 495 -0.66 42.20 7.73
N HIS A 496 -1.45 43.27 7.56
CA HIS A 496 -1.02 44.47 6.88
C HIS A 496 -1.58 45.70 7.60
N GLU A 497 -0.96 46.84 7.35
CA GLU A 497 -1.39 48.13 7.86
C GLU A 497 -2.75 48.30 7.17
N HIS A 498 -3.83 48.49 7.93
CA HIS A 498 -5.15 48.63 7.32
C HIS A 498 -5.28 49.89 6.46
N ASP A 499 -4.62 50.98 6.88
CA ASP A 499 -4.74 52.23 6.15
C ASP A 499 -3.78 52.41 5.00
N GLN A 500 -3.98 51.62 3.95
CA GLN A 500 -3.17 51.73 2.72
C GLN A 500 -4.07 51.21 1.60
N PRO A 501 -3.88 51.70 0.37
CA PRO A 501 -4.75 51.20 -0.70
C PRO A 501 -4.54 49.73 -0.96
N ALA A 502 -5.63 49.05 -1.35
CA ALA A 502 -5.59 47.61 -1.64
C ALA A 502 -4.57 47.25 -2.74
N HIS A 503 -3.77 46.21 -2.49
CA HIS A 503 -2.76 45.79 -3.45
C HIS A 503 -3.37 44.83 -4.46
N LEU A 504 -4.62 44.46 -4.21
CA LEU A 504 -5.34 43.62 -5.14
C LEU A 504 -6.06 44.68 -5.98
N THR A 505 -5.42 45.09 -7.08
CA THR A 505 -5.98 46.12 -7.95
C THR A 505 -6.87 45.61 -9.07
N LEU A 506 -7.90 46.39 -9.38
CA LEU A 506 -8.82 46.07 -10.45
C LEU A 506 -8.59 47.09 -11.57
N LYS A 507 -8.69 46.65 -12.81
CA LYS A 507 -8.51 47.54 -13.96
C LYS A 507 -9.83 48.23 -14.27
N ASP A 508 -10.93 47.58 -13.90
CA ASP A 508 -12.29 48.09 -14.08
C ASP A 508 -13.05 47.64 -12.86
N ASP A 509 -13.49 48.57 -12.02
CA ASP A 509 -14.21 48.23 -10.78
C ASP A 509 -15.60 47.62 -10.96
N SER A 510 -16.08 47.54 -12.20
CA SER A 510 -17.41 46.99 -12.41
C SER A 510 -17.50 45.56 -12.91
N VAL A 511 -16.38 45.00 -13.37
CA VAL A 511 -16.47 43.65 -13.91
C VAL A 511 -16.70 42.55 -12.88
N PRO A 512 -16.21 42.73 -11.64
CA PRO A 512 -16.46 41.65 -10.68
C PRO A 512 -17.94 41.45 -10.39
N VAL A 513 -18.70 42.54 -10.33
CA VAL A 513 -20.14 42.40 -10.12
C VAL A 513 -20.83 42.19 -11.46
N ASN A 514 -20.47 42.97 -12.49
CA ASN A 514 -21.11 42.81 -13.80
C ASN A 514 -20.80 41.53 -14.58
N ARG A 515 -19.55 41.07 -14.57
CA ARG A 515 -19.19 39.84 -15.30
C ARG A 515 -19.07 38.61 -14.37
N ASN A 516 -18.04 38.61 -13.52
CA ASN A 516 -17.75 37.48 -12.63
C ASN A 516 -18.94 36.95 -11.87
N LEU A 517 -19.55 37.76 -11.00
CA LEU A 517 -20.70 37.31 -10.23
C LEU A 517 -21.85 36.97 -11.18
N SER A 518 -22.06 37.83 -12.15
CA SER A 518 -23.13 37.60 -13.10
C SER A 518 -23.02 36.28 -13.85
N ILE A 519 -21.87 36.04 -14.49
CA ILE A 519 -21.66 34.84 -15.30
C ILE A 519 -21.10 33.64 -14.55
N TYR A 520 -20.11 33.85 -13.70
CA TYR A 520 -19.49 32.75 -12.98
C TYR A 520 -19.83 32.61 -11.50
N ASP A 521 -20.67 33.52 -11.00
CA ASP A 521 -21.08 33.52 -9.62
C ASP A 521 -19.95 33.85 -8.65
N GLY A 522 -19.18 34.88 -9.01
CA GLY A 522 -18.08 35.34 -8.17
C GLY A 522 -17.12 34.25 -7.74
N PRO A 523 -16.27 33.76 -8.66
CA PRO A 523 -15.33 32.69 -8.28
C PRO A 523 -14.29 33.25 -7.29
N GLU A 524 -14.12 34.56 -7.28
CA GLU A 524 -13.15 35.13 -6.37
C GLU A 524 -13.55 34.87 -4.91
N GLN A 525 -14.81 34.59 -4.63
CA GLN A 525 -15.12 34.28 -3.25
C GLN A 525 -14.75 32.85 -2.91
N ARG A 526 -14.42 32.03 -3.91
CA ARG A 526 -14.05 30.67 -3.58
C ARG A 526 -12.66 30.28 -3.93
N PHE A 527 -12.03 30.92 -4.90
CA PHE A 527 -10.67 30.49 -5.18
C PHE A 527 -9.61 31.17 -4.31
N CYS A 528 -9.99 32.25 -3.61
CA CYS A 528 -9.05 32.94 -2.72
C CYS A 528 -8.95 32.15 -1.42
N PRO A 529 -7.77 31.67 -1.08
CA PRO A 529 -7.57 30.88 0.14
C PRO A 529 -7.56 31.75 1.41
N ALA A 530 -7.95 33.02 1.31
CA ALA A 530 -7.92 33.87 2.48
C ALA A 530 -9.19 34.68 2.77
N GLY A 531 -10.22 34.51 1.95
CA GLY A 531 -11.44 35.25 2.13
C GLY A 531 -11.28 36.74 1.89
N VAL A 532 -10.46 37.14 0.92
CA VAL A 532 -10.26 38.56 0.64
C VAL A 532 -11.42 39.22 -0.09
N TYR A 533 -11.95 38.56 -1.11
CA TYR A 533 -13.05 39.10 -1.87
C TYR A 533 -14.40 38.60 -1.35
N GLU A 534 -15.31 39.52 -1.09
CA GLU A 534 -16.63 39.16 -0.64
C GLU A 534 -17.64 40.12 -1.27
N PHE A 535 -18.78 39.58 -1.65
CA PHE A 535 -19.79 40.41 -2.24
C PHE A 535 -20.78 40.79 -1.16
N VAL A 536 -20.84 42.07 -0.87
CA VAL A 536 -21.72 42.59 0.13
C VAL A 536 -23.07 43.04 -0.46
N PRO A 537 -24.17 42.66 0.21
CA PRO A 537 -25.53 43.02 -0.23
C PRO A 537 -25.57 44.53 -0.33
N LEU A 538 -26.11 45.01 -1.42
CA LEU A 538 -26.20 46.45 -1.69
C LEU A 538 -27.25 47.09 -0.80
N GLU A 539 -26.94 48.31 -0.37
CA GLU A 539 -27.80 49.12 0.50
C GLU A 539 -29.06 49.55 -0.28
N GLN A 540 -28.83 50.29 -1.37
CA GLN A 540 -29.95 50.72 -2.21
C GLN A 540 -30.46 49.51 -2.98
N GLY A 541 -31.68 49.11 -2.71
CA GLY A 541 -32.33 48.03 -3.42
C GLY A 541 -31.87 46.60 -3.70
N ASP A 542 -31.29 46.39 -4.89
CA ASP A 542 -31.01 45.00 -5.26
C ASP A 542 -29.78 44.13 -5.43
N GLY A 543 -28.58 44.63 -5.49
CA GLY A 543 -27.52 43.69 -5.72
C GLY A 543 -26.37 43.67 -4.75
N PHE A 544 -25.22 43.41 -5.30
CA PHE A 544 -24.06 43.37 -4.50
C PHE A 544 -23.01 44.32 -4.97
N ARG A 545 -22.05 44.52 -4.10
CA ARG A 545 -20.89 45.35 -4.34
C ARG A 545 -19.77 44.42 -3.90
N LEU A 546 -18.59 44.60 -4.46
CA LEU A 546 -17.51 43.76 -4.03
C LEU A 546 -16.69 44.53 -3.04
N GLN A 547 -16.34 43.84 -1.96
CA GLN A 547 -15.51 44.42 -0.93
C GLN A 547 -14.19 43.63 -0.95
N ILE A 548 -13.09 44.35 -0.89
CA ILE A 548 -11.77 43.75 -0.89
C ILE A 548 -11.15 43.92 0.49
N ASN A 549 -10.91 42.80 1.18
CA ASN A 549 -10.30 42.83 2.52
C ASN A 549 -8.82 42.52 2.33
N ALA A 550 -8.13 43.50 1.77
CA ALA A 550 -6.71 43.38 1.46
C ALA A 550 -5.80 42.98 2.62
N GLN A 551 -6.25 43.21 3.83
CA GLN A 551 -5.42 42.90 4.95
C GLN A 551 -5.28 41.39 5.20
N ASN A 552 -6.20 40.60 4.67
CA ASN A 552 -6.15 39.15 4.85
C ASN A 552 -5.35 38.41 3.80
N CYS A 553 -4.76 39.13 2.85
CA CYS A 553 -4.01 38.51 1.77
C CYS A 553 -2.78 37.70 2.23
N VAL A 554 -2.64 36.48 1.73
CA VAL A 554 -1.46 35.69 2.07
C VAL A 554 -0.45 35.72 0.92
N HIS A 555 -0.72 36.54 -0.09
CA HIS A 555 0.16 36.70 -1.26
C HIS A 555 0.40 35.40 -2.07
N CYS A 556 -0.60 34.54 -2.18
CA CYS A 556 -0.40 33.28 -2.91
C CYS A 556 -0.31 33.46 -4.43
N LYS A 557 -0.91 34.56 -4.93
CA LYS A 557 -0.97 34.99 -6.30
C LYS A 557 -2.07 34.32 -7.17
N THR A 558 -3.00 33.61 -6.54
CA THR A 558 -4.06 32.90 -7.26
C THR A 558 -5.07 33.77 -8.01
N CYS A 559 -5.58 34.80 -7.35
CA CYS A 559 -6.57 35.64 -7.99
C CYS A 559 -6.03 36.30 -9.26
N ASP A 560 -4.75 36.65 -9.27
CA ASP A 560 -4.18 37.29 -10.46
C ASP A 560 -4.09 36.27 -11.56
N ILE A 561 -4.04 34.99 -11.18
CA ILE A 561 -3.93 33.90 -12.13
C ILE A 561 -5.27 33.39 -12.64
N LYS A 562 -6.20 33.17 -11.72
CA LYS A 562 -7.49 32.57 -12.07
C LYS A 562 -8.70 33.43 -12.51
N ASP A 563 -8.70 34.73 -12.22
CA ASP A 563 -9.80 35.60 -12.61
C ASP A 563 -10.14 35.39 -14.07
N PRO A 564 -11.35 34.88 -14.36
CA PRO A 564 -11.70 34.67 -15.78
C PRO A 564 -11.70 35.96 -16.61
N SER A 565 -11.86 37.12 -15.97
CA SER A 565 -11.84 38.39 -16.71
C SER A 565 -10.45 39.04 -16.75
N GLN A 566 -9.47 38.40 -16.11
CA GLN A 566 -8.10 38.93 -16.03
C GLN A 566 -8.15 40.42 -15.80
N ASN A 567 -8.96 40.79 -14.81
CA ASN A 567 -9.20 42.15 -14.39
C ASN A 567 -8.38 42.50 -13.13
N ILE A 568 -7.83 41.49 -12.47
CA ILE A 568 -7.03 41.73 -11.26
C ILE A 568 -5.51 41.80 -11.55
N ASN A 569 -4.82 42.65 -10.81
CA ASN A 569 -3.37 42.72 -10.93
C ASN A 569 -2.84 42.82 -9.51
N TRP A 570 -2.15 41.78 -9.08
CA TRP A 570 -1.58 41.77 -7.75
C TRP A 570 -0.28 42.59 -7.76
N VAL A 571 -0.10 43.44 -6.77
CA VAL A 571 1.12 44.22 -6.66
C VAL A 571 1.47 44.12 -5.20
N VAL A 572 2.68 44.52 -4.85
CA VAL A 572 3.08 44.46 -3.47
C VAL A 572 2.51 45.54 -2.58
N PRO A 573 2.12 45.18 -1.36
CA PRO A 573 1.57 46.10 -0.34
C PRO A 573 2.81 46.69 0.36
N GLU A 574 2.65 47.51 1.39
CA GLU A 574 3.85 48.04 2.06
C GLU A 574 4.70 46.86 2.49
N GLY A 575 6.01 47.01 2.38
CA GLY A 575 6.93 45.95 2.77
C GLY A 575 6.76 45.53 4.22
N GLY A 576 6.78 44.23 4.46
CA GLY A 576 6.59 43.71 5.80
C GLY A 576 5.19 43.14 5.97
N GLY A 577 4.30 43.45 5.04
CA GLY A 577 2.95 42.92 5.13
C GLY A 577 2.84 41.47 4.69
N GLY A 578 1.76 40.80 5.05
CA GLY A 578 1.60 39.41 4.65
C GLY A 578 1.80 38.35 5.72
N PRO A 579 1.89 37.08 5.30
CA PRO A 579 2.06 35.90 6.15
C PRO A 579 3.22 36.05 7.13
N ALA A 580 3.14 35.28 8.21
CA ALA A 580 4.19 35.26 9.20
C ALA A 580 4.52 33.78 9.39
N TYR A 581 4.69 33.07 8.27
CA TYR A 581 4.98 31.63 8.27
C TYR A 581 6.28 31.29 9.01
N ASN A 582 6.23 30.24 9.81
CA ASN A 582 7.41 29.78 10.53
C ASN A 582 7.75 28.34 10.20
N GLY A 583 8.71 28.14 9.30
CA GLY A 583 9.10 26.80 8.92
C GLY A 583 8.07 26.08 8.07
N MET A 584 7.44 26.84 7.18
CA MET A 584 6.41 26.32 6.26
C MET A 584 6.98 26.00 4.90
N PRO B 7 17.11 -52.19 6.29
CA PRO B 7 17.74 -52.51 7.61
C PRO B 7 16.85 -53.46 8.47
N ARG B 8 15.66 -52.90 8.75
CA ARG B 8 14.46 -53.35 9.53
C ARG B 8 14.20 -52.00 10.22
N ILE B 9 13.58 -51.17 9.40
CA ILE B 9 13.23 -49.78 9.65
C ILE B 9 11.72 -49.71 9.76
N THR B 10 11.07 -50.54 8.96
CA THR B 10 9.62 -50.58 8.88
C THR B 10 9.01 -51.78 9.63
N THR B 11 8.41 -51.51 10.79
CA THR B 11 7.80 -52.55 11.59
C THR B 11 6.30 -52.35 11.76
N HIS B 12 5.63 -51.77 10.77
CA HIS B 12 4.19 -51.58 10.92
C HIS B 12 3.49 -52.76 10.27
N TYR B 13 2.39 -53.19 10.87
CA TYR B 13 1.61 -54.32 10.38
C TYR B 13 0.99 -54.07 9.03
N THR B 14 1.08 -52.85 8.52
CA THR B 14 0.47 -52.56 7.24
C THR B 14 1.27 -53.11 6.05
N ILE B 15 2.54 -53.44 6.36
CA ILE B 15 3.52 -53.93 5.37
C ILE B 15 4.09 -55.27 5.78
N TYR B 16 3.70 -55.74 6.97
CA TYR B 16 4.13 -57.01 7.47
C TYR B 16 2.99 -57.55 8.30
N PRO B 17 1.89 -57.90 7.64
CA PRO B 17 0.67 -58.43 8.28
C PRO B 17 0.98 -59.23 9.52
N ARG B 18 0.14 -59.11 10.53
CA ARG B 18 0.30 -59.86 11.77
C ARG B 18 0.13 -61.33 11.36
N ASP B 19 -0.68 -61.51 10.30
CA ASP B 19 -1.00 -62.85 9.79
C ASP B 19 0.15 -63.59 9.20
N GLN B 20 1.36 -63.06 9.38
CA GLN B 20 2.57 -63.70 8.88
C GLN B 20 3.83 -63.52 9.73
N ASP B 21 3.76 -62.73 10.80
CA ASP B 21 4.90 -62.54 11.71
C ASP B 21 4.75 -63.74 12.65
N LYS B 22 5.84 -64.48 12.90
CA LYS B 22 5.85 -65.66 13.77
C LYS B 22 5.20 -65.29 15.11
N ARG B 23 5.70 -64.21 15.67
CA ARG B 23 5.26 -63.65 16.96
C ARG B 23 3.76 -63.40 17.16
N TRP B 24 2.95 -63.63 16.12
CA TRP B 24 1.48 -63.36 16.22
C TRP B 24 0.44 -64.47 16.38
N GLU B 25 0.86 -65.70 16.14
CA GLU B 25 0.07 -66.94 16.20
C GLU B 25 -1.11 -67.13 17.16
N GLY B 26 -0.87 -67.04 18.46
CA GLY B 26 -1.92 -67.28 19.43
C GLY B 26 -2.74 -66.14 20.03
N VAL B 27 -2.42 -64.91 19.67
CA VAL B 27 -3.15 -63.76 20.19
C VAL B 27 -4.50 -63.64 19.49
N ASN B 28 -5.56 -63.48 20.28
CA ASN B 28 -6.93 -63.39 19.78
C ASN B 28 -7.25 -62.07 19.09
N MET B 29 -7.39 -62.09 17.77
CA MET B 29 -7.63 -60.88 17.01
C MET B 29 -8.98 -60.61 16.41
N GLU B 30 -9.94 -60.18 17.20
CA GLU B 30 -11.18 -59.75 16.62
C GLU B 30 -11.94 -58.85 17.55
N ARG B 31 -12.86 -58.13 16.96
CA ARG B 31 -13.50 -57.18 17.81
C ARG B 31 -14.97 -56.98 17.97
N PHE B 32 -15.22 -56.48 19.17
CA PHE B 32 -16.50 -56.02 19.59
C PHE B 32 -16.80 -55.00 18.50
N ALA B 33 -18.06 -54.76 18.31
CA ALA B 33 -18.51 -53.84 17.31
C ALA B 33 -19.68 -53.09 17.88
N GLU B 34 -20.03 -52.03 17.19
CA GLU B 34 -21.12 -51.16 17.58
C GLU B 34 -21.75 -50.88 16.22
N GLU B 35 -23.06 -50.89 16.17
CA GLU B 35 -23.79 -50.76 14.92
C GLU B 35 -24.53 -49.43 14.69
N ALA B 36 -23.80 -48.41 14.26
CA ALA B 36 -24.42 -47.11 14.05
C ALA B 36 -25.12 -46.92 12.70
N ASP B 37 -25.98 -45.90 12.61
CA ASP B 37 -26.69 -45.56 11.37
C ASP B 37 -25.68 -45.08 10.32
N VAL B 38 -24.87 -44.10 10.71
CA VAL B 38 -23.83 -43.51 9.87
C VAL B 38 -22.61 -43.22 10.76
N VAL B 39 -21.42 -43.50 10.22
CA VAL B 39 -20.17 -43.28 10.95
C VAL B 39 -19.36 -42.18 10.27
N ILE B 40 -18.76 -41.31 11.06
CA ILE B 40 -18.01 -40.21 10.48
C ILE B 40 -16.53 -40.05 10.83
N VAL B 41 -15.68 -40.32 9.85
CA VAL B 41 -14.24 -40.12 10.01
C VAL B 41 -14.06 -38.61 9.87
N GLY B 42 -13.20 -38.01 10.70
CA GLY B 42 -13.00 -36.58 10.56
C GLY B 42 -12.95 -35.80 11.87
N ALA B 43 -14.09 -35.28 12.30
CA ALA B 43 -14.15 -34.50 13.54
C ALA B 43 -13.41 -33.19 13.34
N GLY B 44 -13.61 -32.67 12.14
CA GLY B 44 -13.03 -31.40 11.75
C GLY B 44 -14.16 -30.57 11.16
N PRO B 45 -13.88 -29.35 10.69
CA PRO B 45 -14.98 -28.51 10.14
C PRO B 45 -15.96 -29.30 9.25
N ALA B 46 -15.45 -30.19 8.39
CA ALA B 46 -16.32 -30.98 7.50
C ALA B 46 -17.06 -32.11 8.26
N GLY B 47 -16.31 -32.87 9.04
CA GLY B 47 -16.90 -33.93 9.83
C GLY B 47 -18.05 -33.41 10.65
N LEU B 48 -17.75 -32.44 11.50
CA LEU B 48 -18.75 -31.86 12.38
C LEU B 48 -19.95 -31.31 11.63
N SER B 49 -19.71 -30.75 10.45
CA SER B 49 -20.79 -30.18 9.67
C SER B 49 -21.84 -31.22 9.31
N ALA B 50 -21.40 -32.42 8.94
CA ALA B 50 -22.34 -33.49 8.58
C ALA B 50 -22.95 -34.03 9.88
N ALA B 51 -22.09 -34.35 10.82
CA ALA B 51 -22.49 -34.85 12.11
C ALA B 51 -23.64 -34.01 12.69
N THR B 52 -23.51 -32.69 12.58
CA THR B 52 -24.49 -31.76 13.13
C THR B 52 -25.80 -31.63 12.36
N ARG B 53 -25.71 -31.43 11.05
CA ARG B 53 -26.90 -31.28 10.21
C ARG B 53 -27.74 -32.56 10.30
N LEU B 54 -27.07 -33.69 10.44
CA LEU B 54 -27.74 -34.98 10.53
C LEU B 54 -28.74 -35.07 11.68
N LYS B 55 -28.41 -34.49 12.83
CA LYS B 55 -29.35 -34.55 13.93
C LYS B 55 -30.40 -33.45 13.77
N GLN B 56 -30.02 -32.33 13.16
CA GLN B 56 -30.99 -31.25 12.94
C GLN B 56 -32.11 -31.88 12.13
N LEU B 57 -31.72 -32.78 11.23
CA LEU B 57 -32.65 -33.48 10.37
C LEU B 57 -33.33 -34.54 11.23
N ALA B 58 -32.59 -35.02 12.22
CA ALA B 58 -33.13 -35.99 13.14
C ALA B 58 -34.31 -35.37 13.95
N ALA B 59 -34.13 -34.10 14.34
CA ALA B 59 -35.11 -33.38 15.15
C ALA B 59 -36.34 -32.85 14.45
N GLN B 60 -36.19 -32.14 13.34
CA GLN B 60 -37.38 -31.61 12.68
C GLN B 60 -38.26 -32.72 12.07
N HIS B 61 -37.92 -33.97 12.36
CA HIS B 61 -38.70 -35.08 11.81
C HIS B 61 -39.11 -36.17 12.79
N GLU B 62 -38.84 -35.93 14.07
CA GLU B 62 -39.15 -36.88 15.13
C GLU B 62 -38.61 -38.28 14.76
N LYS B 63 -37.93 -38.38 13.61
CA LYS B 63 -37.32 -39.62 13.13
C LYS B 63 -36.05 -39.76 13.94
N ASP B 64 -35.46 -40.96 14.00
CA ASP B 64 -34.30 -41.06 14.86
C ASP B 64 -33.00 -41.65 14.29
N LEU B 65 -31.88 -41.09 14.78
CA LEU B 65 -30.57 -41.45 14.24
C LEU B 65 -29.36 -41.58 15.19
N ARG B 66 -28.53 -42.58 14.96
CA ARG B 66 -27.32 -42.78 15.79
C ARG B 66 -26.09 -42.67 14.90
N VAL B 67 -25.34 -41.59 15.11
CA VAL B 67 -24.14 -41.31 14.34
C VAL B 67 -22.92 -41.09 15.24
N CYS B 68 -21.81 -41.76 14.91
CA CYS B 68 -20.60 -41.69 15.73
C CYS B 68 -19.38 -41.03 15.11
N LEU B 69 -18.75 -40.16 15.88
CA LEU B 69 -17.56 -39.46 15.42
C LEU B 69 -16.21 -39.95 15.93
N VAL B 70 -15.32 -40.11 14.95
CA VAL B 70 -13.97 -40.59 15.14
C VAL B 70 -13.04 -39.40 14.89
N GLU B 71 -12.09 -39.18 15.79
CA GLU B 71 -11.13 -38.08 15.64
C GLU B 71 -9.72 -38.61 15.86
N LYS B 72 -8.87 -38.41 14.87
CA LYS B 72 -7.50 -38.89 14.91
C LYS B 72 -6.71 -38.62 16.19
N ALA B 73 -7.15 -37.68 17.04
CA ALA B 73 -6.37 -37.45 18.26
C ALA B 73 -6.90 -36.76 19.51
N ALA B 74 -5.95 -36.64 20.42
CA ALA B 74 -6.06 -36.06 21.75
C ALA B 74 -7.31 -35.32 22.22
N HIS B 75 -7.84 -34.42 21.40
CA HIS B 75 -8.99 -33.62 21.78
C HIS B 75 -9.61 -33.10 20.49
N ILE B 76 -10.84 -32.59 20.55
CA ILE B 76 -11.47 -32.04 19.36
C ILE B 76 -10.88 -30.66 19.13
N GLY B 77 -10.32 -30.46 17.93
CA GLY B 77 -9.68 -29.20 17.59
C GLY B 77 -8.18 -29.12 17.93
N ALA B 78 -7.63 -30.20 18.48
CA ALA B 78 -6.22 -30.25 18.88
C ALA B 78 -5.27 -30.54 17.71
N HIS B 79 -5.85 -30.85 16.56
CA HIS B 79 -5.09 -31.17 15.36
C HIS B 79 -5.40 -30.23 14.20
N THR B 80 -6.38 -29.36 14.41
CA THR B 80 -6.81 -28.41 13.40
C THR B 80 -5.79 -27.26 13.28
N LEU B 81 -5.30 -27.06 12.06
CA LEU B 81 -4.32 -26.03 11.76
C LEU B 81 -4.64 -25.25 10.48
N SER B 82 -4.56 -23.93 10.59
CA SER B 82 -4.85 -23.03 9.48
C SER B 82 -4.59 -21.58 9.94
N GLY B 83 -4.68 -20.62 9.02
CA GLY B 83 -4.47 -19.23 9.40
C GLY B 83 -5.82 -18.78 9.88
N ALA B 84 -6.80 -19.03 9.01
CA ALA B 84 -8.22 -18.81 9.28
C ALA B 84 -8.95 -17.52 8.92
N CYS B 85 -9.28 -17.41 7.64
CA CYS B 85 -10.05 -16.28 7.13
C CYS B 85 -11.27 -17.03 6.62
N LEU B 86 -12.36 -16.90 7.38
CA LEU B 86 -13.56 -17.64 7.09
C LEU B 86 -14.70 -16.96 6.32
N ASP B 87 -15.25 -17.66 5.32
CA ASP B 87 -16.38 -17.17 4.54
C ASP B 87 -17.61 -17.77 5.23
N PRO B 88 -18.30 -16.99 6.07
CA PRO B 88 -19.50 -17.33 6.86
C PRO B 88 -20.62 -18.13 6.18
N ARG B 89 -20.66 -18.07 4.85
CA ARG B 89 -21.70 -18.73 4.06
C ARG B 89 -22.31 -20.06 4.53
N ALA B 90 -21.52 -21.12 4.54
CA ALA B 90 -22.02 -22.43 4.94
C ALA B 90 -22.34 -22.51 6.42
N PHE B 91 -21.55 -21.77 7.19
CA PHE B 91 -21.67 -21.72 8.64
C PHE B 91 -23.04 -21.20 9.08
N GLU B 92 -23.50 -20.11 8.47
CA GLU B 92 -24.77 -19.52 8.84
C GLU B 92 -25.97 -20.31 8.33
N GLU B 93 -25.70 -21.37 7.57
CA GLU B 93 -26.75 -22.23 7.06
C GLU B 93 -26.89 -23.31 8.15
N LEU B 94 -25.73 -23.69 8.69
CA LEU B 94 -25.62 -24.69 9.75
C LEU B 94 -26.07 -24.13 11.11
N PHE B 95 -25.47 -23.01 11.53
CA PHE B 95 -25.79 -22.37 12.81
C PHE B 95 -26.16 -20.89 12.67
N PRO B 96 -27.37 -20.58 12.21
CA PRO B 96 -27.68 -19.15 12.09
C PRO B 96 -27.76 -18.47 13.46
N ASP B 97 -27.61 -19.26 14.52
CA ASP B 97 -27.69 -18.72 15.87
C ASP B 97 -26.31 -18.69 16.53
N TRP B 98 -25.28 -18.93 15.71
CA TRP B 98 -23.90 -18.96 16.16
C TRP B 98 -23.50 -17.85 17.11
N LYS B 99 -24.04 -16.66 16.88
CA LYS B 99 -23.72 -15.51 17.70
C LYS B 99 -23.98 -15.71 19.17
N GLU B 100 -25.19 -15.39 19.62
CA GLU B 100 -25.49 -15.53 21.04
C GLU B 100 -25.17 -16.93 21.53
N LYS B 101 -24.89 -17.85 20.59
CA LYS B 101 -24.58 -19.25 20.92
C LYS B 101 -23.13 -19.57 21.21
N GLY B 102 -22.25 -18.57 21.31
CA GLY B 102 -20.86 -18.81 21.63
C GLY B 102 -19.84 -18.85 20.51
N ALA B 103 -20.29 -19.14 19.29
CA ALA B 103 -19.42 -19.21 18.11
C ALA B 103 -18.35 -18.11 18.01
N PRO B 104 -17.07 -18.47 18.18
CA PRO B 104 -15.92 -17.55 18.12
C PRO B 104 -15.62 -16.82 16.81
N LEU B 105 -16.61 -16.13 16.25
CA LEU B 105 -16.44 -15.33 15.03
C LEU B 105 -16.42 -13.90 15.58
N ASN B 106 -15.29 -13.50 16.17
CA ASN B 106 -15.17 -12.19 16.80
C ASN B 106 -14.33 -11.13 16.08
N THR B 107 -13.77 -11.46 14.92
CA THR B 107 -12.95 -10.48 14.22
C THR B 107 -13.31 -10.40 12.75
N PRO B 108 -14.17 -9.45 12.38
CA PRO B 108 -14.51 -9.34 10.95
C PRO B 108 -13.39 -8.56 10.25
N VAL B 109 -12.96 -9.06 9.10
CA VAL B 109 -11.89 -8.42 8.35
C VAL B 109 -12.22 -6.95 8.09
N THR B 110 -11.27 -6.07 8.39
CA THR B 110 -11.48 -4.64 8.20
C THR B 110 -10.44 -4.07 7.23
N GLU B 111 -9.37 -4.81 7.02
CA GLU B 111 -8.31 -4.36 6.13
C GLU B 111 -7.59 -5.51 5.45
N ASP B 112 -7.77 -5.58 4.14
CA ASP B 112 -7.13 -6.58 3.32
C ASP B 112 -5.91 -5.95 2.62
N ARG B 113 -4.71 -6.50 2.81
CA ARG B 113 -3.51 -5.95 2.17
C ARG B 113 -2.67 -6.98 1.45
N PHE B 114 -1.99 -6.54 0.39
CA PHE B 114 -1.16 -7.44 -0.41
C PHE B 114 0.12 -6.78 -0.89
N GLY B 115 1.22 -7.53 -0.86
CA GLY B 115 2.49 -6.98 -1.31
C GLY B 115 3.42 -8.00 -1.92
N ILE B 116 4.25 -7.56 -2.87
CA ILE B 116 5.22 -8.47 -3.51
C ILE B 116 6.59 -8.09 -2.96
N LEU B 117 7.27 -9.02 -2.33
CA LEU B 117 8.55 -8.71 -1.72
C LEU B 117 9.79 -9.00 -2.56
N THR B 118 10.85 -8.24 -2.27
CA THR B 118 12.16 -8.40 -2.89
C THR B 118 13.04 -8.53 -1.66
N GLU B 119 14.28 -9.02 -1.81
CA GLU B 119 15.15 -9.19 -0.65
C GLU B 119 14.98 -8.02 0.31
N LYS B 120 14.91 -6.80 -0.25
CA LYS B 120 14.79 -5.60 0.56
C LYS B 120 13.47 -4.86 0.63
N TYR B 121 12.69 -4.83 -0.45
CA TYR B 121 11.45 -4.05 -0.47
C TYR B 121 10.09 -4.73 -0.55
N ARG B 122 9.04 -3.94 -0.33
CA ARG B 122 7.66 -4.42 -0.43
C ARG B 122 6.94 -3.56 -1.45
N ILE B 123 6.34 -4.22 -2.44
CA ILE B 123 5.59 -3.52 -3.47
C ILE B 123 4.11 -3.76 -3.20
N PRO B 124 3.38 -2.68 -2.87
CA PRO B 124 1.95 -2.76 -2.60
C PRO B 124 1.14 -3.05 -3.86
N VAL B 125 0.14 -3.90 -3.73
CA VAL B 125 -0.72 -4.27 -4.84
C VAL B 125 -2.16 -3.93 -4.53
N PRO B 126 -2.81 -3.18 -5.43
CA PRO B 126 -4.20 -2.81 -5.24
C PRO B 126 -5.06 -4.06 -5.02
N ILE B 127 -5.97 -4.01 -4.06
CA ILE B 127 -6.81 -5.17 -3.84
C ILE B 127 -8.26 -4.80 -4.12
N LEU B 128 -8.55 -4.61 -5.40
CA LEU B 128 -9.90 -4.25 -5.84
C LEU B 128 -10.98 -5.30 -5.52
N PRO B 129 -12.23 -4.84 -5.36
CA PRO B 129 -13.38 -5.67 -5.04
C PRO B 129 -13.64 -6.84 -5.97
N GLY B 130 -13.06 -6.80 -7.18
CA GLY B 130 -13.28 -7.87 -8.14
C GLY B 130 -12.23 -8.98 -8.16
N LEU B 131 -11.17 -8.82 -7.38
CA LEU B 131 -10.11 -9.81 -7.31
C LEU B 131 -10.47 -10.85 -6.27
N PRO B 132 -9.94 -12.08 -6.43
CA PRO B 132 -10.23 -13.16 -5.49
C PRO B 132 -9.90 -12.92 -4.00
N MET B 133 -8.72 -12.38 -3.71
CA MET B 133 -8.33 -12.14 -2.32
C MET B 133 -9.07 -11.03 -1.57
N ASN B 134 -10.37 -10.89 -1.78
CA ASN B 134 -11.14 -9.86 -1.09
C ASN B 134 -11.97 -10.46 0.06
N ASN B 135 -11.54 -10.21 1.29
CA ASN B 135 -12.21 -10.78 2.46
C ASN B 135 -13.42 -10.04 3.04
N HIS B 136 -13.77 -8.90 2.47
CA HIS B 136 -14.90 -8.15 2.97
C HIS B 136 -16.11 -9.07 3.17
N GLY B 137 -16.66 -9.04 4.38
CA GLY B 137 -17.81 -9.87 4.69
C GLY B 137 -17.37 -11.13 5.41
N ASN B 138 -16.07 -11.27 5.62
CA ASN B 138 -15.52 -12.44 6.29
C ASN B 138 -15.04 -12.13 7.69
N TYR B 139 -14.79 -13.21 8.43
CA TYR B 139 -14.29 -13.13 9.80
C TYR B 139 -12.93 -13.80 9.89
N VAL B 140 -12.09 -13.31 10.79
CA VAL B 140 -10.78 -13.91 10.99
C VAL B 140 -10.97 -14.75 12.24
N VAL B 141 -10.78 -16.05 12.10
CA VAL B 141 -10.97 -16.96 13.24
C VAL B 141 -9.77 -17.86 13.51
N ARG B 142 -9.88 -18.63 14.58
CA ARG B 142 -8.88 -19.61 14.96
C ARG B 142 -9.68 -20.91 14.87
N LEU B 143 -9.40 -21.71 13.83
CA LEU B 143 -10.13 -22.95 13.62
C LEU B 143 -10.18 -23.87 14.84
N GLY B 144 -9.02 -24.12 15.43
CA GLY B 144 -8.98 -24.97 16.61
C GLY B 144 -10.22 -24.72 17.45
N HIS B 145 -10.40 -23.48 17.86
CA HIS B 145 -11.55 -23.13 18.69
C HIS B 145 -12.88 -23.28 18.01
N LEU B 146 -13.07 -22.63 16.87
CA LEU B 146 -14.34 -22.74 16.18
C LEU B 146 -14.69 -24.22 15.94
N VAL B 147 -13.67 -25.05 15.79
CA VAL B 147 -13.90 -26.47 15.57
C VAL B 147 -14.35 -27.15 16.88
N SER B 148 -13.72 -26.79 18.00
CA SER B 148 -14.09 -27.33 19.31
C SER B 148 -15.54 -26.94 19.55
N TRP B 149 -15.79 -25.64 19.48
CA TRP B 149 -17.12 -25.07 19.68
C TRP B 149 -18.15 -25.88 18.92
N MET B 150 -17.78 -26.28 17.71
CA MET B 150 -18.69 -27.07 16.89
C MET B 150 -18.88 -28.42 17.58
N GLY B 151 -17.77 -29.06 17.93
CA GLY B 151 -17.84 -30.36 18.58
C GLY B 151 -18.67 -30.29 19.85
N GLU B 152 -18.71 -29.10 20.43
CA GLU B 152 -19.46 -28.87 21.65
C GLU B 152 -20.93 -28.93 21.34
N GLN B 153 -21.32 -28.31 20.24
CA GLN B 153 -22.71 -28.32 19.88
C GLN B 153 -23.03 -29.76 19.49
N ALA B 154 -22.02 -30.48 19.03
CA ALA B 154 -22.17 -31.88 18.62
C ALA B 154 -22.65 -32.78 19.76
N GLU B 155 -21.78 -32.98 20.75
CA GLU B 155 -22.10 -33.81 21.91
C GLU B 155 -23.45 -33.37 22.49
N ALA B 156 -23.83 -32.12 22.16
CA ALA B 156 -25.08 -31.53 22.62
C ALA B 156 -26.15 -31.47 21.54
N LEU B 157 -26.13 -32.42 20.63
CA LEU B 157 -27.12 -32.48 19.56
C LEU B 157 -27.46 -33.95 19.64
N GLY B 158 -26.75 -34.64 20.53
CA GLY B 158 -27.00 -36.05 20.67
C GLY B 158 -26.08 -36.78 19.73
N VAL B 159 -24.93 -36.20 19.47
CA VAL B 159 -23.97 -36.82 18.59
C VAL B 159 -22.96 -37.62 19.43
N GLU B 160 -22.50 -38.75 18.91
CA GLU B 160 -21.54 -39.58 19.62
C GLU B 160 -20.17 -39.21 19.12
N VAL B 161 -19.46 -38.39 19.87
CA VAL B 161 -18.15 -37.98 19.43
C VAL B 161 -17.09 -38.75 20.25
N TYR B 162 -16.16 -39.40 19.54
CA TYR B 162 -15.11 -40.19 20.18
C TYR B 162 -13.74 -39.66 19.73
N PRO B 163 -13.21 -38.67 20.48
CA PRO B 163 -11.96 -37.89 20.40
C PRO B 163 -10.57 -38.37 20.80
N GLY B 164 -10.12 -39.49 20.27
CA GLY B 164 -8.79 -39.96 20.59
C GLY B 164 -8.74 -41.30 19.91
N TYR B 165 -9.57 -41.43 18.89
CA TYR B 165 -9.71 -42.67 18.18
C TYR B 165 -9.56 -42.74 16.65
N ALA B 166 -8.31 -43.06 16.29
CA ALA B 166 -7.79 -43.18 14.92
C ALA B 166 -8.26 -44.30 13.98
N ALA B 167 -9.18 -43.99 13.07
CA ALA B 167 -9.67 -44.97 12.09
C ALA B 167 -8.52 -45.61 11.29
N ALA B 168 -8.16 -46.85 11.59
CA ALA B 168 -7.05 -47.53 10.89
C ALA B 168 -7.37 -48.57 9.80
N GLU B 169 -8.63 -48.92 9.61
CA GLU B 169 -8.94 -49.93 8.60
C GLU B 169 -10.34 -49.80 8.00
N ILE B 170 -10.45 -50.07 6.70
CA ILE B 170 -11.73 -49.97 5.99
C ILE B 170 -12.35 -51.35 5.85
N LEU B 171 -13.50 -51.56 6.47
CA LEU B 171 -14.13 -52.87 6.39
C LEU B 171 -15.09 -52.94 5.22
N PHE B 172 -14.91 -53.92 4.36
CA PHE B 172 -15.80 -54.13 3.22
C PHE B 172 -16.70 -55.34 3.53
N HIS B 173 -17.95 -55.25 3.08
CA HIS B 173 -18.90 -56.34 3.23
C HIS B 173 -18.37 -57.35 2.21
N GLU B 174 -19.09 -58.45 2.01
CA GLU B 174 -18.62 -59.47 1.06
C GLU B 174 -18.84 -59.07 -0.39
N ASP B 175 -19.67 -58.06 -0.60
CA ASP B 175 -20.00 -57.59 -1.94
C ASP B 175 -19.06 -56.52 -2.47
N GLY B 176 -18.27 -55.93 -1.58
CA GLY B 176 -17.34 -54.90 -2.02
C GLY B 176 -17.64 -53.52 -1.45
N SER B 177 -18.88 -53.32 -1.00
CA SER B 177 -19.28 -52.06 -0.39
C SER B 177 -18.58 -51.96 0.99
N VAL B 178 -18.45 -50.76 1.53
CA VAL B 178 -17.77 -50.62 2.82
C VAL B 178 -18.75 -50.90 3.96
N LYS B 179 -18.19 -51.33 5.09
CA LYS B 179 -18.95 -51.67 6.29
C LYS B 179 -18.86 -50.58 7.32
N GLY B 180 -17.61 -50.14 7.52
CA GLY B 180 -17.33 -49.13 8.50
C GLY B 180 -15.85 -49.09 8.75
N ILE B 181 -15.47 -48.61 9.92
CA ILE B 181 -14.07 -48.47 10.25
C ILE B 181 -13.65 -49.21 11.50
N ALA B 182 -12.35 -49.45 11.61
CA ALA B 182 -11.75 -50.12 12.75
C ALA B 182 -10.86 -49.07 13.38
N THR B 183 -10.94 -48.91 14.69
CA THR B 183 -10.09 -47.92 15.31
C THR B 183 -8.72 -48.56 15.48
N ASN B 184 -7.72 -47.77 15.86
CA ASN B 184 -6.36 -48.28 16.03
C ASN B 184 -6.24 -49.33 17.14
N ASP B 185 -5.56 -50.43 16.84
CA ASP B 185 -5.33 -51.46 17.87
C ASP B 185 -4.33 -50.82 18.86
N VAL B 186 -4.61 -50.88 20.16
CA VAL B 186 -3.72 -50.31 21.17
C VAL B 186 -2.59 -51.27 21.59
N GLY B 187 -1.60 -50.69 22.28
CA GLY B 187 -0.47 -51.41 22.81
C GLY B 187 0.32 -52.34 21.92
N ILE B 188 1.33 -51.78 21.25
CA ILE B 188 2.20 -52.58 20.43
C ILE B 188 3.58 -51.99 20.58
N GLN B 189 4.52 -52.54 19.82
CA GLN B 189 5.86 -52.06 19.96
C GLN B 189 6.63 -51.80 18.70
N LYS B 190 7.66 -51.01 18.94
CA LYS B 190 8.67 -50.54 18.02
C LYS B 190 9.31 -51.67 17.21
N ASP B 191 9.07 -52.92 17.60
CA ASP B 191 9.63 -54.05 16.85
C ASP B 191 8.56 -54.73 15.96
N GLY B 192 7.29 -54.45 16.27
CA GLY B 192 6.15 -55.00 15.54
C GLY B 192 5.51 -56.15 16.28
N ALA B 193 5.96 -56.40 17.49
CA ALA B 193 5.44 -57.53 18.28
C ALA B 193 4.28 -57.26 19.22
N PRO B 194 3.52 -58.31 19.57
CA PRO B 194 2.39 -58.17 20.49
C PRO B 194 2.88 -57.67 21.85
N LYS B 195 1.99 -57.63 22.83
CA LYS B 195 2.34 -57.13 24.17
C LYS B 195 1.49 -57.79 25.24
N THR B 196 1.63 -57.29 26.46
CA THR B 196 0.86 -57.80 27.59
C THR B 196 -0.33 -56.86 27.61
N THR B 197 -0.11 -55.70 27.01
CA THR B 197 -1.05 -54.59 26.93
C THR B 197 -1.88 -54.60 25.66
N PHE B 198 -1.37 -55.31 24.66
CA PHE B 198 -2.05 -55.40 23.37
C PHE B 198 -3.56 -55.56 23.53
N GLU B 199 -4.27 -54.87 22.65
CA GLU B 199 -5.73 -54.89 22.60
C GLU B 199 -6.05 -54.69 21.13
N ARG B 200 -7.33 -54.75 20.77
CA ARG B 200 -7.70 -54.52 19.38
C ARG B 200 -8.32 -53.15 19.30
N GLY B 201 -9.28 -53.03 18.39
CA GLY B 201 -9.97 -51.77 18.19
C GLY B 201 -11.44 -52.05 17.99
N LEU B 202 -12.22 -51.00 17.78
CA LEU B 202 -13.66 -51.15 17.61
C LEU B 202 -14.01 -51.41 16.15
N GLU B 203 -14.90 -52.36 15.89
CA GLU B 203 -15.35 -52.60 14.53
C GLU B 203 -16.63 -51.74 14.57
N LEU B 204 -16.67 -50.70 13.75
CA LEU B 204 -17.82 -49.81 13.69
C LEU B 204 -18.54 -49.94 12.35
N HIS B 205 -19.77 -50.43 12.41
CA HIS B 205 -20.57 -50.67 11.22
C HIS B 205 -21.57 -49.56 10.91
N ALA B 206 -21.72 -49.28 9.62
CA ALA B 206 -22.63 -48.21 9.19
C ALA B 206 -23.24 -48.43 7.80
N LYS B 207 -24.44 -47.86 7.62
CA LYS B 207 -25.17 -47.92 6.35
C LYS B 207 -24.33 -47.14 5.32
N VAL B 208 -23.67 -46.11 5.82
CA VAL B 208 -22.75 -45.27 5.07
C VAL B 208 -21.76 -44.74 6.10
N THR B 209 -20.56 -44.47 5.66
CA THR B 209 -19.58 -43.93 6.57
C THR B 209 -19.13 -42.67 5.83
N ILE B 210 -18.89 -41.59 6.55
CA ILE B 210 -18.51 -40.35 5.93
C ILE B 210 -17.02 -40.14 6.13
N PHE B 211 -16.30 -39.99 5.03
CA PHE B 211 -14.85 -39.81 5.08
C PHE B 211 -14.53 -38.35 4.90
N ALA B 212 -14.06 -37.75 5.98
CA ALA B 212 -13.71 -36.34 6.02
C ALA B 212 -12.36 -36.27 6.71
N GLU B 213 -11.41 -37.06 6.22
CA GLU B 213 -10.07 -37.12 6.80
C GLU B 213 -9.29 -35.83 6.82
N GLY B 214 -9.54 -34.97 5.85
CA GLY B 214 -8.82 -33.72 5.80
C GLY B 214 -7.97 -33.75 4.57
N CYS B 215 -7.01 -32.84 4.44
CA CYS B 215 -6.17 -32.86 3.25
C CYS B 215 -5.32 -34.13 3.24
N HIS B 216 -5.28 -34.82 2.10
CA HIS B 216 -4.51 -36.05 1.91
C HIS B 216 -4.68 -37.07 3.06
N GLY B 217 -5.90 -37.59 3.21
CA GLY B 217 -6.18 -38.57 4.25
C GLY B 217 -5.63 -39.94 3.92
N HIS B 218 -4.97 -40.59 4.87
CA HIS B 218 -4.36 -41.91 4.66
C HIS B 218 -5.36 -42.98 4.18
N LEU B 219 -6.61 -42.90 4.65
CA LEU B 219 -7.65 -43.86 4.25
C LEU B 219 -8.07 -43.61 2.80
N ALA B 220 -8.19 -42.32 2.47
CA ALA B 220 -8.57 -41.87 1.14
C ALA B 220 -7.64 -42.42 0.07
N LYS B 221 -6.34 -42.31 0.35
CA LYS B 221 -5.31 -42.77 -0.58
C LYS B 221 -5.63 -44.16 -1.13
N GLN B 222 -6.20 -45.03 -0.27
CA GLN B 222 -6.56 -46.39 -0.66
C GLN B 222 -7.99 -46.49 -1.12
N LEU B 223 -8.86 -45.63 -0.58
CA LEU B 223 -10.24 -45.66 -1.02
C LEU B 223 -10.20 -45.24 -2.49
N TYR B 224 -9.50 -44.15 -2.81
CA TYR B 224 -9.39 -43.67 -4.20
C TYR B 224 -8.95 -44.82 -5.10
N LYS B 225 -7.96 -45.55 -4.60
CA LYS B 225 -7.35 -46.65 -5.31
C LYS B 225 -8.27 -47.85 -5.51
N LYS B 226 -8.88 -48.32 -4.42
CA LYS B 226 -9.78 -49.47 -4.45
C LYS B 226 -10.95 -49.28 -5.43
N PHE B 227 -11.66 -48.17 -5.33
CA PHE B 227 -12.84 -47.92 -6.15
C PHE B 227 -12.61 -47.14 -7.46
N ASP B 228 -11.34 -46.89 -7.78
CA ASP B 228 -10.99 -46.16 -9.00
C ASP B 228 -11.80 -44.89 -9.15
N LEU B 229 -11.52 -43.89 -8.32
CA LEU B 229 -12.25 -42.63 -8.40
C LEU B 229 -11.45 -41.49 -9.05
N ARG B 230 -10.18 -41.76 -9.31
CA ARG B 230 -9.27 -40.80 -9.93
C ARG B 230 -9.27 -41.06 -11.43
N ALA B 231 -10.39 -41.47 -11.98
CA ALA B 231 -10.43 -41.78 -13.40
C ALA B 231 -10.56 -40.53 -14.24
N ASN B 232 -11.63 -39.79 -14.03
CA ASN B 232 -11.87 -38.55 -14.77
C ASN B 232 -11.58 -37.31 -13.93
N CYS B 233 -10.30 -37.07 -13.69
CA CYS B 233 -9.82 -35.94 -12.92
C CYS B 233 -8.29 -36.00 -12.83
N GLU B 234 -7.65 -34.86 -12.65
CA GLU B 234 -6.20 -34.85 -12.54
C GLU B 234 -5.82 -35.13 -11.11
N PRO B 235 -4.61 -35.63 -10.88
CA PRO B 235 -4.25 -35.89 -9.50
C PRO B 235 -4.28 -34.61 -8.70
N GLN B 236 -4.38 -34.73 -7.39
CA GLN B 236 -4.43 -33.56 -6.52
C GLN B 236 -3.06 -32.91 -6.47
N THR B 237 -3.06 -31.60 -6.23
CA THR B 237 -1.85 -30.80 -6.18
C THR B 237 -1.85 -30.30 -4.77
N TYR B 238 -0.69 -30.14 -4.17
CA TYR B 238 -0.65 -29.71 -2.79
C TYR B 238 0.38 -28.65 -2.47
N GLY B 239 0.32 -28.20 -1.23
CA GLY B 239 1.26 -27.23 -0.71
C GLY B 239 1.43 -27.49 0.78
N ILE B 240 2.57 -27.16 1.32
CA ILE B 240 2.79 -27.36 2.75
C ILE B 240 2.70 -26.00 3.41
N GLY B 241 1.94 -25.93 4.49
CA GLY B 241 1.77 -24.67 5.20
C GLY B 241 2.34 -24.73 6.59
N LEU B 242 3.13 -23.71 6.94
CA LEU B 242 3.75 -23.61 8.25
C LEU B 242 3.19 -22.39 8.99
N LYS B 243 2.88 -22.55 10.25
CA LYS B 243 2.32 -21.47 11.05
C LYS B 243 2.80 -21.37 12.50
N GLU B 244 2.92 -20.12 12.96
CA GLU B 244 3.22 -19.85 14.34
C GLU B 244 2.19 -18.82 14.79
N LEU B 245 2.12 -18.62 16.11
CA LEU B 245 1.25 -17.64 16.72
C LEU B 245 2.20 -16.74 17.43
N TRP B 246 1.92 -15.45 17.40
CA TRP B 246 2.82 -14.51 18.01
C TRP B 246 2.14 -13.49 18.91
N VAL B 247 2.78 -13.18 20.01
CA VAL B 247 2.25 -12.17 20.90
C VAL B 247 3.10 -11.02 20.46
N ILE B 248 2.49 -9.91 20.06
CA ILE B 248 3.29 -8.78 19.59
C ILE B 248 3.00 -7.55 20.43
N ASP B 249 3.79 -6.51 20.24
CA ASP B 249 3.62 -5.27 20.98
C ASP B 249 2.30 -4.66 20.53
N GLU B 250 1.45 -4.21 21.47
CA GLU B 250 0.16 -3.64 21.08
C GLU B 250 0.33 -2.51 20.08
N LYS B 251 1.36 -1.70 20.27
CA LYS B 251 1.62 -0.55 19.39
C LYS B 251 1.52 -0.89 17.91
N LYS B 252 1.98 -2.08 17.56
CA LYS B 252 1.98 -2.53 16.17
C LYS B 252 0.88 -3.53 15.80
N TRP B 253 -0.21 -3.54 16.57
CA TRP B 253 -1.31 -4.46 16.36
C TRP B 253 -2.55 -3.81 15.78
N LYS B 254 -2.89 -4.17 14.53
CA LYS B 254 -4.08 -3.63 13.84
C LYS B 254 -5.23 -4.64 13.74
N PRO B 255 -5.97 -4.81 14.84
CA PRO B 255 -7.10 -5.75 14.91
C PRO B 255 -8.01 -5.73 13.69
N GLY B 256 -8.20 -6.91 13.09
CA GLY B 256 -9.09 -7.03 11.95
C GLY B 256 -8.46 -6.98 10.58
N ARG B 257 -7.15 -6.81 10.54
CA ARG B 257 -6.42 -6.75 9.29
C ARG B 257 -5.89 -8.12 8.82
N VAL B 258 -5.80 -8.31 7.51
CA VAL B 258 -5.27 -9.55 6.96
C VAL B 258 -4.27 -9.24 5.85
N ASP B 259 -3.03 -9.66 6.11
CA ASP B 259 -1.88 -9.46 5.25
C ASP B 259 -1.41 -10.70 4.49
N HIS B 260 -1.22 -10.54 3.19
CA HIS B 260 -0.72 -11.61 2.36
C HIS B 260 0.50 -11.10 1.57
N THR B 261 1.41 -11.98 1.17
CA THR B 261 2.56 -11.54 0.39
C THR B 261 3.05 -12.63 -0.55
N VAL B 262 3.82 -12.24 -1.54
CA VAL B 262 4.36 -13.19 -2.49
C VAL B 262 5.73 -12.66 -2.95
N GLY B 263 6.48 -13.50 -3.65
CA GLY B 263 7.81 -13.12 -4.09
C GLY B 263 8.83 -13.60 -3.06
N TRP B 264 9.90 -12.83 -2.88
CA TRP B 264 10.96 -13.20 -1.94
C TRP B 264 10.35 -13.71 -0.64
N PRO B 265 10.97 -14.73 -0.02
CA PRO B 265 12.20 -15.42 -0.43
C PRO B 265 12.13 -16.51 -1.50
N LEU B 266 11.04 -16.65 -2.23
CA LEU B 266 10.96 -17.68 -3.27
C LEU B 266 11.53 -17.18 -4.61
N ASP B 267 11.68 -18.07 -5.59
CA ASP B 267 12.13 -17.63 -6.90
C ASP B 267 10.81 -17.50 -7.67
N ARG B 268 10.82 -17.10 -8.93
CA ARG B 268 9.53 -16.96 -9.60
C ARG B 268 8.86 -18.30 -9.87
N HIS B 269 9.66 -19.35 -9.90
CA HIS B 269 9.13 -20.68 -10.18
C HIS B 269 8.76 -21.54 -8.98
N THR B 270 9.01 -21.04 -7.77
CA THR B 270 8.63 -21.78 -6.58
C THR B 270 7.38 -21.13 -6.01
N TYR B 271 6.24 -21.74 -6.29
CA TYR B 271 4.95 -21.23 -5.82
C TYR B 271 4.92 -21.08 -4.30
N GLY B 272 4.20 -20.09 -3.79
CA GLY B 272 4.13 -19.90 -2.36
C GLY B 272 4.04 -18.45 -1.88
N GLY B 273 3.45 -18.26 -0.71
CA GLY B 273 3.31 -16.92 -0.18
C GLY B 273 3.06 -16.96 1.30
N SER B 274 2.97 -15.80 1.93
CA SER B 274 2.76 -15.70 3.37
C SER B 274 1.43 -15.09 3.73
N PHE B 275 0.97 -15.37 4.95
CA PHE B 275 -0.28 -14.82 5.45
C PHE B 275 0.02 -14.29 6.83
N LEU B 276 -0.79 -13.32 7.26
CA LEU B 276 -0.59 -12.70 8.55
C LEU B 276 -1.94 -12.13 8.90
N TYR B 277 -2.49 -12.54 10.04
CA TYR B 277 -3.80 -12.09 10.44
C TYR B 277 -3.75 -11.53 11.85
N HIS B 278 -4.43 -10.40 12.06
CA HIS B 278 -4.50 -9.75 13.36
C HIS B 278 -5.77 -10.22 14.07
N LEU B 279 -5.61 -11.03 15.11
CA LEU B 279 -6.74 -11.54 15.88
C LEU B 279 -7.33 -10.47 16.79
N ASN B 280 -8.65 -10.46 16.87
CA ASN B 280 -9.34 -9.52 17.74
C ASN B 280 -10.03 -10.25 18.88
N GLU B 281 -9.32 -11.22 19.44
CA GLU B 281 -9.86 -11.98 20.55
C GLU B 281 -9.24 -11.55 21.88
N GLY B 282 -9.32 -10.24 22.16
CA GLY B 282 -8.80 -9.71 23.41
C GLY B 282 -7.34 -9.30 23.45
N GLU B 283 -6.44 -10.26 23.29
CA GLU B 283 -5.02 -9.95 23.33
C GLU B 283 -4.45 -9.68 21.95
N PRO B 284 -3.30 -8.99 21.90
CA PRO B 284 -2.65 -8.68 20.63
C PRO B 284 -1.79 -9.80 20.08
N LEU B 285 -2.45 -10.82 19.53
CA LEU B 285 -1.70 -11.95 18.97
C LEU B 285 -1.83 -12.00 17.45
N LEU B 286 -0.77 -12.49 16.83
CA LEU B 286 -0.67 -12.63 15.39
C LEU B 286 -0.70 -14.09 14.90
N ALA B 287 -1.37 -14.29 13.78
CA ALA B 287 -1.45 -15.61 13.16
C ALA B 287 -0.73 -15.42 11.87
N LEU B 288 0.53 -15.85 11.80
CA LEU B 288 1.35 -15.76 10.59
C LEU B 288 1.52 -17.17 10.05
N GLY B 289 1.94 -17.27 8.79
CA GLY B 289 2.14 -18.56 8.19
C GLY B 289 2.79 -18.39 6.85
N PHE B 290 3.16 -19.51 6.27
CA PHE B 290 3.80 -19.49 4.98
C PHE B 290 3.37 -20.76 4.27
N VAL B 291 3.35 -20.71 2.94
CA VAL B 291 2.96 -21.87 2.16
C VAL B 291 3.88 -22.01 0.97
N VAL B 292 4.25 -23.24 0.66
CA VAL B 292 5.08 -23.52 -0.49
C VAL B 292 4.41 -24.63 -1.29
N GLY B 293 4.35 -24.45 -2.60
CA GLY B 293 3.77 -25.47 -3.47
C GLY B 293 4.70 -26.68 -3.40
N LEU B 294 4.13 -27.87 -3.28
CA LEU B 294 4.94 -29.08 -3.20
C LEU B 294 5.35 -29.52 -4.59
N ASP B 295 5.21 -28.61 -5.56
CA ASP B 295 5.60 -28.90 -6.91
C ASP B 295 6.89 -28.16 -7.20
N TYR B 296 7.71 -27.99 -6.15
CA TYR B 296 8.98 -27.29 -6.27
C TYR B 296 10.08 -28.16 -6.85
N GLN B 297 10.96 -27.55 -7.65
CA GLN B 297 12.07 -28.24 -8.32
C GLN B 297 13.38 -28.45 -7.56
N ASN B 298 13.74 -27.51 -6.69
CA ASN B 298 15.01 -27.63 -5.98
C ASN B 298 14.96 -28.45 -4.69
N PRO B 299 15.68 -29.58 -4.65
CA PRO B 299 15.72 -30.49 -3.49
C PRO B 299 16.34 -29.89 -2.24
N TYR B 300 17.23 -28.92 -2.41
CA TYR B 300 17.86 -28.30 -1.26
C TYR B 300 16.93 -27.30 -0.59
N LEU B 301 15.70 -27.18 -1.10
CA LEU B 301 14.71 -26.24 -0.59
C LEU B 301 14.03 -26.69 0.69
N SER B 302 13.88 -25.77 1.64
CA SER B 302 13.28 -26.07 2.94
C SER B 302 12.11 -25.11 3.26
N PRO B 303 10.88 -25.63 3.14
CA PRO B 303 9.67 -24.83 3.41
C PRO B 303 9.67 -24.24 4.81
N PHE B 304 10.34 -24.88 5.76
CA PHE B 304 10.42 -24.40 7.14
C PHE B 304 11.45 -23.29 7.21
N ARG B 305 12.61 -23.53 6.62
CA ARG B 305 13.66 -22.55 6.63
C ARG B 305 13.29 -21.30 5.85
N GLU B 306 12.47 -21.46 4.81
CA GLU B 306 12.03 -20.31 4.03
C GLU B 306 11.08 -19.49 4.90
N PHE B 307 10.20 -20.18 5.61
CA PHE B 307 9.22 -19.53 6.48
C PHE B 307 9.91 -18.73 7.59
N GLN B 308 11.03 -19.22 8.07
CA GLN B 308 11.77 -18.55 9.13
C GLN B 308 12.69 -17.48 8.51
N ARG B 309 12.95 -17.63 7.23
CA ARG B 309 13.79 -16.66 6.51
C ARG B 309 12.89 -15.45 6.22
N TRP B 310 11.64 -15.74 5.83
CA TRP B 310 10.64 -14.73 5.50
C TRP B 310 10.41 -13.65 6.55
N LYS B 311 10.35 -14.04 7.82
CA LYS B 311 10.10 -13.09 8.89
C LYS B 311 11.14 -11.99 9.04
N HIS B 312 12.30 -12.17 8.43
CA HIS B 312 13.34 -11.16 8.49
C HIS B 312 13.21 -10.02 7.49
N HIS B 313 12.25 -10.11 6.57
CA HIS B 313 12.08 -9.06 5.58
C HIS B 313 11.76 -7.78 6.32
N PRO B 314 12.49 -6.70 6.00
CA PRO B 314 12.32 -5.39 6.63
C PRO B 314 10.92 -4.80 6.67
N SER B 315 9.91 -5.56 6.25
CA SER B 315 8.55 -5.03 6.27
C SER B 315 7.69 -5.85 7.21
N ILE B 316 8.23 -7.00 7.62
CA ILE B 316 7.49 -7.89 8.50
C ILE B 316 8.20 -8.09 9.81
N LYS B 317 9.43 -7.61 9.90
CA LYS B 317 10.21 -7.79 11.11
C LYS B 317 9.83 -6.85 12.25
N PRO B 318 9.78 -5.53 11.99
CA PRO B 318 9.41 -4.65 13.10
C PRO B 318 8.08 -5.07 13.71
N THR B 319 7.12 -5.41 12.84
CA THR B 319 5.80 -5.79 13.30
C THR B 319 5.86 -6.81 14.44
N LEU B 320 6.89 -7.64 14.48
CA LEU B 320 6.98 -8.59 15.58
C LEU B 320 8.30 -8.50 16.34
N GLU B 321 9.10 -7.51 16.00
CA GLU B 321 10.35 -7.25 16.71
C GLU B 321 9.86 -6.96 18.14
N GLY B 322 10.43 -7.68 19.12
CA GLY B 322 10.05 -7.48 20.51
C GLY B 322 8.85 -8.29 20.99
N GLY B 323 8.53 -9.34 20.24
CA GLY B 323 7.42 -10.21 20.58
C GLY B 323 7.87 -11.55 21.14
N LYS B 324 6.95 -12.52 21.14
CA LYS B 324 7.19 -13.84 21.69
C LYS B 324 6.45 -14.95 20.91
N ARG B 325 7.22 -15.83 20.25
CA ARG B 325 6.62 -16.91 19.46
C ARG B 325 6.05 -17.99 20.39
N ILE B 326 4.73 -18.08 20.49
CA ILE B 326 4.05 -19.03 21.38
C ILE B 326 3.42 -20.25 20.73
N ALA B 327 3.80 -20.60 19.51
CA ALA B 327 3.17 -21.77 18.89
C ALA B 327 3.68 -22.04 17.47
N TYR B 328 3.71 -23.31 17.12
CA TYR B 328 4.21 -23.75 15.82
C TYR B 328 3.35 -24.86 15.30
N GLY B 329 3.35 -25.05 13.99
CA GLY B 329 2.47 -26.05 13.43
C GLY B 329 2.57 -26.13 11.93
N ALA B 330 2.06 -27.22 11.34
CA ALA B 330 2.11 -27.39 9.91
C ALA B 330 1.07 -28.37 9.44
N ARG B 331 0.59 -28.16 8.21
CA ARG B 331 -0.39 -29.02 7.59
C ARG B 331 -0.24 -28.85 6.09
N ALA B 332 -0.75 -29.81 5.33
CA ALA B 332 -0.71 -29.73 3.88
C ALA B 332 -2.07 -29.18 3.48
N LEU B 333 -2.16 -28.64 2.27
CA LEU B 333 -3.41 -28.10 1.77
C LEU B 333 -3.53 -28.41 0.29
N ASN B 334 -4.76 -28.46 -0.22
CA ASN B 334 -4.99 -28.80 -1.62
C ASN B 334 -5.02 -27.62 -2.59
N GLU B 335 -3.98 -27.45 -3.40
CA GLU B 335 -4.01 -26.36 -4.37
C GLU B 335 -4.32 -26.86 -5.78
N GLY B 336 -4.99 -28.00 -5.86
CA GLY B 336 -5.34 -28.58 -7.16
C GLY B 336 -6.68 -28.12 -7.68
N GLY B 337 -7.53 -27.66 -6.77
CA GLY B 337 -8.84 -27.16 -7.15
C GLY B 337 -9.72 -28.03 -8.01
N PHE B 338 -10.58 -27.37 -8.78
CA PHE B 338 -11.55 -28.00 -9.67
C PHE B 338 -11.09 -29.23 -10.47
N GLN B 339 -9.90 -29.16 -11.06
CA GLN B 339 -9.40 -30.26 -11.88
C GLN B 339 -8.95 -31.49 -11.12
N SER B 340 -8.98 -31.41 -9.80
CA SER B 340 -8.54 -32.55 -9.00
C SER B 340 -9.63 -33.18 -8.16
N ILE B 341 -10.82 -32.59 -8.17
CA ILE B 341 -11.92 -33.16 -7.41
C ILE B 341 -12.33 -34.50 -8.03
N PRO B 342 -12.21 -35.59 -7.25
CA PRO B 342 -12.58 -36.93 -7.76
C PRO B 342 -14.02 -37.30 -7.42
N LYS B 343 -14.40 -38.54 -7.73
CA LYS B 343 -15.75 -39.01 -7.44
C LYS B 343 -15.79 -39.16 -5.93
N LEU B 344 -16.86 -38.69 -5.31
CA LEU B 344 -16.96 -38.76 -3.84
C LEU B 344 -18.06 -39.72 -3.42
N THR B 345 -18.50 -40.53 -4.37
CA THR B 345 -19.57 -41.50 -4.14
C THR B 345 -19.17 -42.92 -4.48
N PHE B 346 -19.40 -43.81 -3.54
CA PHE B 346 -19.10 -45.21 -3.75
C PHE B 346 -20.00 -46.01 -2.84
N PRO B 347 -20.12 -47.33 -3.09
CA PRO B 347 -20.97 -48.17 -2.24
C PRO B 347 -20.50 -48.22 -0.78
N GLY B 348 -21.36 -47.77 0.13
CA GLY B 348 -21.02 -47.81 1.55
C GLY B 348 -20.64 -46.51 2.22
N GLY B 349 -20.23 -45.51 1.43
CA GLY B 349 -19.83 -44.25 2.03
C GLY B 349 -19.55 -43.12 1.06
N LEU B 350 -18.89 -42.07 1.55
CA LEU B 350 -18.57 -40.91 0.73
C LEU B 350 -17.40 -40.09 1.29
N LEU B 351 -16.94 -39.14 0.48
CA LEU B 351 -15.81 -38.25 0.82
C LEU B 351 -16.28 -36.80 0.83
N ILE B 352 -15.77 -36.00 1.78
CA ILE B 352 -16.10 -34.56 1.87
C ILE B 352 -14.93 -33.81 2.49
N GLY B 353 -15.02 -32.47 2.48
CA GLY B 353 -13.95 -31.65 3.01
C GLY B 353 -12.72 -31.64 2.10
N CYS B 354 -11.56 -31.26 2.64
CA CYS B 354 -10.39 -31.24 1.79
C CYS B 354 -9.73 -32.58 1.55
N SER B 355 -10.40 -33.65 1.96
CA SER B 355 -9.88 -34.98 1.70
C SER B 355 -10.06 -35.22 0.20
N PRO B 356 -11.25 -34.91 -0.32
CA PRO B 356 -11.51 -35.08 -1.76
C PRO B 356 -10.94 -33.87 -2.50
N GLY B 357 -10.99 -32.70 -1.85
CA GLY B 357 -10.45 -31.48 -2.44
C GLY B 357 -11.44 -30.43 -2.91
N PHE B 358 -11.74 -29.47 -2.04
CA PHE B 358 -12.68 -28.38 -2.35
C PHE B 358 -12.03 -27.03 -2.01
N MET B 359 -10.70 -26.98 -2.09
CA MET B 359 -9.98 -25.75 -1.76
C MET B 359 -10.00 -24.66 -2.82
N ASN B 360 -10.33 -23.45 -2.39
CA ASN B 360 -10.34 -22.28 -3.27
C ASN B 360 -8.94 -21.68 -3.06
N VAL B 361 -8.04 -22.02 -3.96
CA VAL B 361 -6.66 -21.58 -3.87
C VAL B 361 -6.37 -20.08 -3.88
N PRO B 362 -6.77 -19.36 -4.93
CA PRO B 362 -6.48 -17.93 -4.94
C PRO B 362 -7.10 -17.16 -3.77
N LYS B 363 -8.18 -17.73 -3.23
CA LYS B 363 -8.88 -17.11 -2.12
C LYS B 363 -8.28 -17.65 -0.81
N ILE B 364 -7.66 -18.82 -0.90
CA ILE B 364 -7.05 -19.51 0.24
C ILE B 364 -8.16 -19.91 1.20
N LYS B 365 -9.30 -20.26 0.68
CA LYS B 365 -10.42 -20.66 1.52
C LYS B 365 -10.84 -22.08 1.16
N GLY B 366 -10.95 -22.93 2.18
CA GLY B 366 -11.36 -24.29 1.93
C GLY B 366 -12.37 -24.72 2.98
N THR B 367 -12.37 -24.03 4.11
CA THR B 367 -13.28 -24.35 5.19
C THR B 367 -14.77 -24.30 4.81
N HIS B 368 -15.23 -23.14 4.33
CA HIS B 368 -16.63 -22.98 3.94
C HIS B 368 -17.07 -24.04 2.93
N THR B 369 -16.24 -24.31 1.92
CA THR B 369 -16.58 -25.31 0.94
C THR B 369 -16.64 -26.71 1.55
N ALA B 370 -15.90 -26.93 2.63
CA ALA B 370 -15.89 -28.23 3.30
C ALA B 370 -17.18 -28.34 4.10
N MET B 371 -17.53 -27.27 4.79
CA MET B 371 -18.74 -27.26 5.58
C MET B 371 -19.95 -27.55 4.70
N LYS B 372 -20.02 -26.87 3.56
CA LYS B 372 -21.16 -27.07 2.66
C LYS B 372 -21.22 -28.51 2.16
N SER B 373 -20.07 -29.10 1.84
CA SER B 373 -20.05 -30.47 1.37
C SER B 373 -20.67 -31.34 2.46
N GLY B 374 -20.29 -31.08 3.71
CA GLY B 374 -20.85 -31.82 4.82
C GLY B 374 -22.35 -31.57 4.96
N THR B 375 -22.74 -30.30 5.03
CA THR B 375 -24.15 -29.96 5.15
C THR B 375 -24.94 -30.70 4.08
N LEU B 376 -24.51 -30.59 2.84
CA LEU B 376 -25.19 -31.25 1.74
C LEU B 376 -25.16 -32.78 1.89
N ALA B 377 -23.97 -33.34 2.08
CA ALA B 377 -23.85 -34.77 2.24
C ALA B 377 -24.83 -35.25 3.30
N ALA B 378 -24.81 -34.59 4.45
CA ALA B 378 -25.70 -34.96 5.54
C ALA B 378 -27.15 -35.03 5.07
N GLU B 379 -27.64 -33.95 4.46
CA GLU B 379 -29.01 -33.93 3.98
C GLU B 379 -29.34 -35.04 2.99
N SER B 380 -28.35 -35.47 2.22
CA SER B 380 -28.62 -36.51 1.23
C SER B 380 -28.70 -37.87 1.90
N ILE B 381 -27.88 -38.07 2.92
CA ILE B 381 -27.89 -39.31 3.66
C ILE B 381 -29.26 -39.49 4.32
N PHE B 382 -29.62 -38.54 5.18
CA PHE B 382 -30.89 -38.55 5.90
C PHE B 382 -32.09 -38.74 4.98
N ASN B 383 -32.13 -38.00 3.86
CA ASN B 383 -33.24 -38.11 2.91
C ASN B 383 -33.36 -39.47 2.24
N GLN B 384 -32.25 -40.06 1.83
CA GLN B 384 -32.31 -41.37 1.22
C GLN B 384 -32.94 -42.29 2.28
N LEU B 385 -32.29 -42.31 3.45
CA LEU B 385 -32.70 -43.13 4.58
C LEU B 385 -34.10 -42.83 5.15
N THR B 386 -34.90 -42.08 4.41
CA THR B 386 -36.26 -41.72 4.83
C THR B 386 -37.24 -41.85 3.69
N SER B 387 -37.23 -42.97 2.98
CA SER B 387 -38.18 -43.09 1.88
C SER B 387 -38.67 -44.53 1.91
N GLU B 388 -37.72 -45.44 1.95
CA GLU B 388 -37.95 -46.88 1.99
C GLU B 388 -38.02 -47.59 0.64
N ASN B 389 -37.87 -46.87 -0.48
CA ASN B 389 -37.91 -47.63 -1.73
C ASN B 389 -36.68 -48.51 -1.74
N LEU B 390 -36.69 -49.49 -2.62
CA LEU B 390 -35.57 -50.41 -2.65
C LEU B 390 -34.17 -49.87 -2.82
N GLN B 391 -33.37 -50.36 -1.88
CA GLN B 391 -31.99 -50.00 -1.80
C GLN B 391 -31.04 -50.27 -2.95
N SER B 392 -29.87 -50.67 -2.54
CA SER B 392 -28.73 -50.92 -3.40
C SER B 392 -28.46 -52.40 -3.63
N LYS B 393 -28.48 -53.08 -2.50
CA LYS B 393 -28.13 -54.48 -2.35
C LYS B 393 -26.66 -54.40 -2.71
N THR B 394 -26.01 -53.63 -1.87
CA THR B 394 -24.61 -53.34 -1.85
C THR B 394 -24.58 -53.23 -0.30
N ILE B 395 -25.78 -53.08 0.28
CA ILE B 395 -25.98 -52.94 1.73
C ILE B 395 -25.10 -51.87 2.37
N GLY B 396 -24.03 -51.56 1.67
CA GLY B 396 -23.20 -50.46 2.07
C GLY B 396 -23.82 -49.50 1.06
N LEU B 397 -24.52 -48.48 1.56
CA LEU B 397 -25.18 -47.50 0.69
C LEU B 397 -24.29 -46.66 -0.22
N HIS B 398 -24.81 -46.37 -1.40
CA HIS B 398 -24.13 -45.51 -2.36
C HIS B 398 -25.07 -44.34 -2.62
N VAL B 399 -24.71 -43.18 -2.06
CA VAL B 399 -25.52 -41.98 -2.22
C VAL B 399 -25.08 -41.15 -3.43
N THR B 400 -25.64 -41.42 -4.59
CA THR B 400 -25.29 -40.69 -5.80
C THR B 400 -26.03 -39.36 -5.91
N GLU B 401 -26.79 -39.00 -4.88
CA GLU B 401 -27.53 -37.75 -4.89
C GLU B 401 -26.69 -36.65 -4.24
N TYR B 402 -25.73 -37.05 -3.41
CA TYR B 402 -24.87 -36.08 -2.75
C TYR B 402 -23.89 -35.44 -3.72
N GLU B 403 -23.54 -36.14 -4.79
CA GLU B 403 -22.62 -35.56 -5.77
C GLU B 403 -23.39 -34.68 -6.76
N ASP B 404 -24.64 -35.03 -7.05
CA ASP B 404 -25.41 -34.24 -7.98
C ASP B 404 -25.71 -32.88 -7.35
N ASN B 405 -26.38 -32.91 -6.21
CA ASN B 405 -26.73 -31.68 -5.51
C ASN B 405 -25.50 -30.81 -5.22
N LEU B 406 -24.34 -31.45 -5.12
CA LEU B 406 -23.11 -30.71 -4.88
C LEU B 406 -22.64 -30.04 -6.15
N LYS B 407 -22.67 -30.78 -7.26
CA LYS B 407 -22.25 -30.22 -8.54
C LYS B 407 -23.18 -29.07 -8.88
N ASN B 408 -24.39 -29.11 -8.32
CA ASN B 408 -25.38 -28.06 -8.55
C ASN B 408 -25.45 -26.97 -7.48
N SER B 409 -24.52 -27.00 -6.52
CA SER B 409 -24.49 -26.01 -5.44
C SER B 409 -23.50 -24.90 -5.78
N TRP B 410 -23.50 -23.82 -5.01
CA TRP B 410 -22.57 -22.73 -5.29
C TRP B 410 -21.12 -23.19 -5.25
N VAL B 411 -20.82 -24.14 -4.38
CA VAL B 411 -19.48 -24.67 -4.23
C VAL B 411 -18.83 -25.07 -5.56
N TRP B 412 -19.62 -25.63 -6.47
CA TRP B 412 -19.09 -26.07 -7.74
C TRP B 412 -18.61 -24.90 -8.59
N LYS B 413 -19.44 -23.87 -8.72
CA LYS B 413 -19.07 -22.70 -9.49
C LYS B 413 -17.90 -21.93 -8.91
N GLU B 414 -17.93 -21.66 -7.62
CA GLU B 414 -16.82 -20.96 -7.00
C GLU B 414 -15.50 -21.65 -7.34
N LEU B 415 -15.47 -22.97 -7.30
CA LEU B 415 -14.23 -23.65 -7.61
C LEU B 415 -13.97 -23.74 -9.11
N TYR B 416 -15.02 -23.55 -9.90
CA TYR B 416 -14.85 -23.56 -11.32
C TYR B 416 -14.23 -22.21 -11.71
N SER B 417 -14.90 -21.15 -11.30
CA SER B 417 -14.46 -19.79 -11.59
C SER B 417 -12.96 -19.53 -11.49
N VAL B 418 -12.31 -20.05 -10.44
CA VAL B 418 -10.87 -19.82 -10.24
C VAL B 418 -10.00 -21.00 -10.67
N ARG B 419 -10.62 -21.95 -11.37
CA ARG B 419 -9.95 -23.16 -11.82
C ARG B 419 -8.60 -22.95 -12.51
N ASN B 420 -8.48 -21.88 -13.29
CA ASN B 420 -7.24 -21.62 -14.02
C ASN B 420 -6.10 -20.81 -13.38
N ILE B 421 -6.35 -20.20 -12.22
CA ILE B 421 -5.35 -19.39 -11.56
C ILE B 421 -4.11 -20.11 -11.09
N ARG B 422 -4.24 -21.06 -10.17
CA ARG B 422 -3.06 -21.77 -9.67
C ARG B 422 -2.22 -22.36 -10.78
N PRO B 423 -2.84 -23.08 -11.73
CA PRO B 423 -2.10 -23.68 -12.83
C PRO B 423 -1.47 -22.69 -13.81
N SER B 424 -1.96 -21.46 -13.83
CA SER B 424 -1.40 -20.48 -14.74
C SER B 424 -0.01 -19.98 -14.31
N CYS B 425 0.43 -20.39 -13.13
CA CYS B 425 1.73 -19.95 -12.63
C CYS B 425 2.86 -20.73 -13.24
N HIS B 426 2.51 -21.73 -14.04
CA HIS B 426 3.48 -22.57 -14.75
C HIS B 426 3.76 -21.84 -16.05
N GLY B 427 4.67 -20.88 -16.02
CA GLY B 427 4.97 -20.18 -17.25
C GLY B 427 6.35 -19.59 -17.14
N ILE B 428 6.85 -19.06 -18.24
CA ILE B 428 8.17 -18.47 -18.18
C ILE B 428 8.27 -17.42 -17.06
N LEU B 429 7.17 -16.74 -16.74
CA LEU B 429 7.20 -15.73 -15.68
C LEU B 429 6.76 -16.26 -14.31
N GLY B 430 6.55 -17.56 -14.25
CA GLY B 430 6.16 -18.19 -13.01
C GLY B 430 4.94 -17.58 -12.33
N VAL B 431 5.05 -17.40 -11.03
CA VAL B 431 3.94 -16.84 -10.26
C VAL B 431 3.54 -15.43 -10.70
N TYR B 432 4.50 -14.66 -11.20
CA TYR B 432 4.20 -13.29 -11.65
C TYR B 432 3.34 -13.40 -12.90
N GLY B 433 3.67 -14.37 -13.73
CA GLY B 433 2.89 -14.61 -14.93
C GLY B 433 1.52 -15.08 -14.47
N GLY B 434 1.48 -15.69 -13.28
CA GLY B 434 0.22 -16.17 -12.72
C GLY B 434 -0.66 -15.00 -12.34
N MET B 435 -0.06 -13.94 -11.82
CA MET B 435 -0.82 -12.77 -11.43
C MET B 435 -1.41 -12.06 -12.63
N ILE B 436 -0.63 -11.98 -13.70
CA ILE B 436 -1.11 -11.32 -14.91
C ILE B 436 -2.32 -12.08 -15.40
N TYR B 437 -2.16 -13.38 -15.57
CA TYR B 437 -3.26 -14.22 -16.02
C TYR B 437 -4.48 -13.88 -15.19
N THR B 438 -4.27 -13.71 -13.89
CA THR B 438 -5.35 -13.43 -12.97
C THR B 438 -5.95 -12.04 -13.17
N GLY B 439 -5.08 -11.08 -13.46
CA GLY B 439 -5.57 -9.73 -13.67
C GLY B 439 -6.47 -9.69 -14.88
N ILE B 440 -6.09 -10.51 -15.85
CA ILE B 440 -6.83 -10.54 -17.10
C ILE B 440 -8.03 -11.43 -17.17
N PHE B 441 -7.83 -12.74 -17.02
CA PHE B 441 -8.95 -13.66 -17.14
C PHE B 441 -9.90 -13.79 -15.97
N TYR B 442 -9.55 -13.21 -14.84
CA TYR B 442 -10.43 -13.27 -13.69
C TYR B 442 -11.00 -11.91 -13.36
N TRP B 443 -10.14 -10.93 -13.12
CA TRP B 443 -10.62 -9.59 -12.79
C TRP B 443 -11.49 -9.02 -13.90
N ILE B 444 -11.14 -9.28 -15.15
CA ILE B 444 -11.94 -8.74 -16.25
C ILE B 444 -12.93 -9.77 -16.76
N PHE B 445 -12.48 -11.01 -16.96
CA PHE B 445 -13.38 -12.02 -17.49
C PHE B 445 -13.98 -13.06 -16.52
N ARG B 446 -13.85 -12.82 -15.22
CA ARG B 446 -14.40 -13.71 -14.21
C ARG B 446 -14.12 -15.18 -14.47
N GLY B 447 -12.90 -15.47 -14.90
CA GLY B 447 -12.54 -16.84 -15.19
C GLY B 447 -13.52 -17.55 -16.13
N MET B 448 -14.19 -16.83 -17.02
CA MET B 448 -15.10 -17.53 -17.90
C MET B 448 -14.56 -17.86 -19.29
N GLU B 449 -13.24 -17.96 -19.40
CA GLU B 449 -12.63 -18.30 -20.69
C GLU B 449 -13.11 -19.68 -21.09
N PRO B 450 -13.19 -19.93 -22.41
CA PRO B 450 -13.67 -21.22 -22.92
C PRO B 450 -12.70 -22.39 -22.83
N TRP B 451 -11.90 -22.45 -21.77
CA TRP B 451 -10.95 -23.56 -21.62
C TRP B 451 -10.58 -23.70 -20.16
N THR B 452 -9.88 -24.77 -19.82
CA THR B 452 -9.43 -24.96 -18.45
C THR B 452 -8.03 -25.59 -18.55
N LEU B 453 -7.08 -24.97 -17.85
CA LEU B 453 -5.70 -25.41 -17.86
C LEU B 453 -5.43 -26.69 -17.05
N LYS B 454 -4.26 -27.29 -17.28
CA LYS B 454 -3.88 -28.51 -16.59
C LYS B 454 -2.72 -28.25 -15.64
N HIS B 455 -2.54 -29.13 -14.68
CA HIS B 455 -1.46 -28.98 -13.72
C HIS B 455 -0.20 -29.60 -14.29
N LYS B 456 0.94 -29.42 -13.63
CA LYS B 456 2.20 -29.96 -14.14
C LYS B 456 2.14 -31.46 -14.21
N GLY B 457 1.38 -32.06 -13.31
CA GLY B 457 1.25 -33.50 -13.23
C GLY B 457 1.33 -33.75 -11.75
N SER B 458 2.21 -34.65 -11.31
CA SER B 458 2.32 -34.97 -9.89
C SER B 458 3.48 -34.27 -9.16
N ASP B 459 3.19 -33.63 -8.03
CA ASP B 459 4.21 -32.91 -7.27
C ASP B 459 5.38 -33.82 -6.94
N SER B 460 5.05 -35.10 -6.84
CA SER B 460 5.96 -36.16 -6.51
C SER B 460 7.05 -36.37 -7.53
N ASP B 461 6.76 -36.28 -8.81
CA ASP B 461 7.86 -36.44 -9.76
C ASP B 461 8.30 -35.09 -10.35
N GLN B 462 8.26 -34.05 -9.53
CA GLN B 462 8.65 -32.71 -9.98
C GLN B 462 10.05 -32.27 -9.54
N LEU B 463 10.65 -33.00 -8.60
CA LEU B 463 12.00 -32.67 -8.12
C LEU B 463 13.07 -32.95 -9.17
N LYS B 464 14.18 -32.24 -9.08
CA LYS B 464 15.30 -32.42 -10.00
C LYS B 464 16.42 -33.11 -9.24
N PRO B 465 17.45 -33.59 -9.95
CA PRO B 465 18.58 -34.25 -9.29
C PRO B 465 19.43 -33.17 -8.62
N ALA B 466 19.94 -33.44 -7.43
CA ALA B 466 20.75 -32.48 -6.70
C ALA B 466 21.98 -32.03 -7.48
N LYS B 467 22.52 -32.91 -8.33
CA LYS B 467 23.69 -32.58 -9.12
C LYS B 467 23.44 -31.45 -10.11
N ASP B 468 22.16 -31.16 -10.36
CA ASP B 468 21.79 -30.14 -11.32
C ASP B 468 21.29 -28.84 -10.71
N CYS B 469 21.16 -28.82 -9.40
CA CYS B 469 20.69 -27.63 -8.70
C CYS B 469 21.79 -27.06 -7.84
N THR B 470 21.51 -25.91 -7.25
CA THR B 470 22.47 -25.23 -6.41
C THR B 470 21.90 -25.09 -5.01
N PRO B 471 22.56 -25.69 -4.01
CA PRO B 471 22.07 -25.61 -2.64
C PRO B 471 21.69 -24.19 -2.26
N ILE B 472 20.66 -24.05 -1.45
CA ILE B 472 20.25 -22.73 -1.00
C ILE B 472 20.91 -22.45 0.36
N GLU B 473 21.50 -21.25 0.48
CA GLU B 473 22.17 -20.82 1.71
C GLU B 473 21.22 -20.22 2.72
N TYR B 474 20.43 -21.05 3.38
CA TYR B 474 19.51 -20.53 4.39
C TYR B 474 20.27 -19.93 5.59
N PRO B 475 19.75 -18.85 6.17
CA PRO B 475 20.34 -18.16 7.32
C PRO B 475 20.13 -18.91 8.63
N LYS B 476 21.06 -18.72 9.56
CA LYS B 476 21.02 -19.37 10.87
C LYS B 476 20.00 -18.62 11.74
N PRO B 477 19.07 -19.36 12.37
CA PRO B 477 18.05 -18.72 13.21
C PRO B 477 18.65 -17.91 14.35
N ASP B 478 17.96 -16.85 14.76
CA ASP B 478 18.48 -15.99 15.83
C ASP B 478 17.77 -16.14 17.20
N GLY B 479 16.99 -17.19 17.34
CA GLY B 479 16.28 -17.40 18.59
C GLY B 479 15.16 -16.43 18.89
N GLN B 480 15.29 -15.17 18.46
CA GLN B 480 14.25 -14.17 18.74
C GLN B 480 13.15 -13.98 17.68
N ILE B 481 13.52 -14.13 16.41
CA ILE B 481 12.57 -13.97 15.32
C ILE B 481 12.50 -15.25 14.49
N SER B 482 13.67 -15.83 14.22
CA SER B 482 13.77 -17.06 13.47
C SER B 482 14.35 -18.10 14.43
N PHE B 483 13.62 -19.19 14.61
CA PHE B 483 14.05 -20.24 15.52
C PHE B 483 14.53 -21.48 14.77
N ASP B 484 14.84 -22.54 15.52
CA ASP B 484 15.31 -23.79 14.95
C ASP B 484 14.20 -24.83 14.89
N LEU B 485 14.52 -25.96 14.27
CA LEU B 485 13.57 -27.07 14.11
C LEU B 485 13.05 -27.61 15.44
N LEU B 486 13.96 -27.95 16.35
CA LEU B 486 13.57 -28.50 17.65
C LEU B 486 12.70 -27.50 18.43
N SER B 487 13.23 -26.30 18.60
CA SER B 487 12.50 -25.24 19.29
C SER B 487 11.07 -25.19 18.76
N SER B 488 10.96 -25.19 17.43
CA SER B 488 9.67 -25.12 16.77
C SER B 488 8.76 -26.32 17.03
N VAL B 489 9.33 -27.53 17.08
CA VAL B 489 8.54 -28.72 17.32
C VAL B 489 8.09 -28.75 18.77
N ALA B 490 8.95 -28.28 19.65
CA ALA B 490 8.64 -28.23 21.08
C ALA B 490 7.27 -27.57 21.28
N LEU B 491 6.99 -26.53 20.51
CA LEU B 491 5.74 -25.80 20.62
C LEU B 491 4.57 -26.46 19.91
N SER B 492 4.83 -27.47 19.09
CA SER B 492 3.75 -28.14 18.40
C SER B 492 2.98 -28.90 19.48
N GLY B 493 3.73 -29.44 20.43
CA GLY B 493 3.13 -30.18 21.52
C GLY B 493 2.97 -31.61 21.07
N THR B 494 3.68 -31.97 20.02
CA THR B 494 3.61 -33.32 19.51
C THR B 494 4.49 -34.29 20.32
N ASN B 495 3.88 -35.37 20.74
CA ASN B 495 4.54 -36.47 21.45
C ASN B 495 3.63 -37.65 21.11
N HIS B 496 4.19 -38.84 21.17
CA HIS B 496 3.42 -40.05 20.91
C HIS B 496 4.10 -41.03 21.85
N GLU B 497 3.57 -42.24 21.94
CA GLU B 497 4.25 -43.20 22.78
C GLU B 497 5.39 -43.59 21.87
N HIS B 498 6.60 -43.70 22.41
CA HIS B 498 7.72 -44.08 21.57
C HIS B 498 7.77 -45.54 21.20
N ASP B 499 7.44 -46.41 22.15
CA ASP B 499 7.45 -47.81 21.80
C ASP B 499 6.23 -47.86 20.96
N GLN B 500 6.40 -48.27 19.71
CA GLN B 500 5.29 -48.35 18.81
C GLN B 500 5.74 -48.32 17.36
N PRO B 501 5.04 -49.13 16.54
CA PRO B 501 5.22 -49.34 15.11
C PRO B 501 4.96 -48.02 14.33
N ALA B 502 6.05 -47.64 13.68
CA ALA B 502 6.26 -46.44 12.85
C ALA B 502 5.17 -46.13 11.82
N HIS B 503 4.38 -45.07 12.03
CA HIS B 503 3.35 -44.78 11.04
C HIS B 503 3.94 -44.12 9.79
N LEU B 504 5.26 -44.05 9.70
CA LEU B 504 5.95 -43.52 8.52
C LEU B 504 6.44 -44.76 7.78
N THR B 505 5.48 -45.55 7.30
CA THR B 505 5.76 -46.80 6.62
C THR B 505 6.43 -46.66 5.25
N LEU B 506 7.28 -47.64 4.94
CA LEU B 506 8.02 -47.69 3.67
C LEU B 506 7.72 -48.99 2.93
N LYS B 507 8.35 -49.19 1.78
CA LYS B 507 8.11 -50.39 0.99
C LYS B 507 9.41 -50.96 0.47
N ASP B 508 10.44 -50.14 0.50
CA ASP B 508 11.77 -50.60 0.17
C ASP B 508 12.52 -49.63 1.06
N ASP B 509 13.06 -50.18 2.13
CA ASP B 509 13.79 -49.42 3.12
C ASP B 509 15.18 -49.17 2.56
N SER B 510 15.39 -49.59 1.32
CA SER B 510 16.68 -49.40 0.66
C SER B 510 16.68 -48.13 -0.14
N VAL B 511 15.51 -47.73 -0.63
CA VAL B 511 15.36 -46.55 -1.46
C VAL B 511 15.70 -45.19 -0.84
N PRO B 512 15.24 -44.93 0.39
CA PRO B 512 15.53 -43.65 1.05
C PRO B 512 16.98 -43.23 0.86
N VAL B 513 17.86 -44.20 1.04
CA VAL B 513 19.28 -44.03 0.96
C VAL B 513 19.81 -44.40 -0.42
N ASN B 514 19.46 -45.59 -0.88
CA ASN B 514 19.86 -46.12 -2.19
C ASN B 514 19.61 -45.09 -3.31
N ARG B 515 18.46 -44.41 -3.21
CA ARG B 515 18.07 -43.41 -4.22
C ARG B 515 17.77 -41.96 -3.79
N ASN B 516 16.83 -41.76 -2.89
CA ASN B 516 16.45 -40.42 -2.42
C ASN B 516 17.67 -39.61 -2.06
N LEU B 517 18.35 -40.06 -1.00
CA LEU B 517 19.54 -39.36 -0.56
C LEU B 517 20.62 -39.38 -1.63
N SER B 518 20.73 -40.50 -2.33
CA SER B 518 21.72 -40.65 -3.37
C SER B 518 21.61 -39.62 -4.51
N ILE B 519 20.44 -39.54 -5.13
CA ILE B 519 20.19 -38.63 -6.26
C ILE B 519 19.66 -37.25 -5.90
N TYR B 520 18.79 -37.18 -4.90
CA TYR B 520 18.23 -35.90 -4.49
C TYR B 520 18.84 -35.41 -3.17
N ASP B 521 19.89 -36.10 -2.73
CA ASP B 521 20.60 -35.74 -1.51
C ASP B 521 19.69 -35.70 -0.26
N GLY B 522 18.67 -36.56 -0.24
CA GLY B 522 17.76 -36.67 0.90
C GLY B 522 16.82 -35.52 1.23
N PRO B 523 15.89 -35.17 0.32
CA PRO B 523 14.91 -34.09 0.49
C PRO B 523 14.05 -34.25 1.73
N GLU B 524 13.91 -35.50 2.18
CA GLU B 524 13.10 -35.79 3.34
C GLU B 524 13.59 -35.09 4.60
N GLN B 525 14.88 -34.79 4.67
CA GLN B 525 15.38 -34.10 5.85
C GLN B 525 15.27 -32.58 5.66
N ARG B 526 14.37 -32.16 4.76
CA ARG B 526 14.15 -30.75 4.44
C ARG B 526 12.68 -30.43 4.30
N PHE B 527 11.95 -31.20 3.49
CA PHE B 527 10.54 -30.91 3.37
C PHE B 527 9.73 -31.31 4.61
N CYS B 528 10.38 -32.04 5.52
CA CYS B 528 9.70 -32.45 6.74
C CYS B 528 9.80 -31.30 7.70
N PRO B 529 8.62 -30.82 8.14
CA PRO B 529 8.38 -29.71 9.07
C PRO B 529 8.60 -30.08 10.52
N ALA B 530 9.05 -31.30 10.79
CA ALA B 530 9.23 -31.74 12.16
C ALA B 530 10.53 -32.42 12.61
N GLY B 531 11.42 -32.78 11.68
CA GLY B 531 12.67 -33.41 12.09
C GLY B 531 12.80 -34.89 11.80
N VAL B 532 11.67 -35.60 11.85
CA VAL B 532 11.57 -37.05 11.62
C VAL B 532 12.63 -37.87 10.88
N TYR B 533 13.09 -37.41 9.72
CA TYR B 533 14.06 -38.18 8.96
C TYR B 533 15.45 -37.63 9.04
N GLU B 534 16.35 -38.41 9.62
CA GLU B 534 17.74 -38.00 9.70
C GLU B 534 18.60 -39.18 9.27
N PHE B 535 19.59 -38.88 8.43
CA PHE B 535 20.51 -39.89 7.91
C PHE B 535 21.73 -40.02 8.79
N VAL B 536 21.88 -41.20 9.40
CA VAL B 536 23.00 -41.50 10.28
C VAL B 536 24.27 -41.90 9.51
N PRO B 537 25.43 -41.34 9.92
CA PRO B 537 26.81 -41.46 9.44
C PRO B 537 27.46 -42.84 9.15
N LEU B 538 26.81 -43.93 9.53
CA LEU B 538 27.34 -45.29 9.32
C LEU B 538 28.54 -45.73 10.17
N GLU B 539 28.21 -46.49 11.20
CA GLU B 539 29.16 -47.05 12.17
C GLU B 539 30.56 -47.42 11.62
N GLN B 540 30.64 -47.65 10.30
CA GLN B 540 31.88 -48.13 9.72
C GLN B 540 32.52 -47.48 8.51
N GLY B 541 31.75 -47.22 7.45
CA GLY B 541 32.32 -46.65 6.25
C GLY B 541 32.19 -45.24 5.77
N ASP B 542 31.37 -44.42 6.40
CA ASP B 542 31.13 -43.03 5.96
C ASP B 542 29.95 -43.00 5.00
N GLY B 543 29.14 -44.06 5.02
CA GLY B 543 27.96 -44.13 4.18
C GLY B 543 26.84 -43.78 5.14
N PHE B 544 25.58 -43.88 4.71
CA PHE B 544 24.51 -43.53 5.64
C PHE B 544 23.31 -44.47 5.68
N ARG B 545 22.48 -44.23 6.68
CA ARG B 545 21.25 -44.97 6.86
C ARG B 545 20.19 -44.02 7.42
N LEU B 546 18.95 -44.50 7.32
CA LEU B 546 17.76 -43.72 7.62
C LEU B 546 17.01 -43.91 8.92
N GLN B 547 16.95 -42.84 9.71
CA GLN B 547 16.27 -42.96 10.99
C GLN B 547 15.00 -42.14 11.24
N ILE B 548 13.87 -42.82 11.18
CA ILE B 548 12.59 -42.18 11.42
C ILE B 548 12.31 -41.93 12.90
N ASN B 549 12.25 -40.65 13.30
CA ASN B 549 11.95 -40.29 14.69
C ASN B 549 10.50 -39.93 14.50
N ALA B 550 9.62 -40.92 14.60
CA ALA B 550 8.17 -40.71 14.38
C ALA B 550 7.50 -40.03 15.54
N GLN B 551 8.31 -39.55 16.46
CA GLN B 551 7.82 -38.89 17.66
C GLN B 551 7.81 -37.39 17.47
N ASN B 552 8.27 -36.96 16.31
CA ASN B 552 8.25 -35.54 16.03
C ASN B 552 7.08 -35.23 15.06
N CYS B 553 6.71 -36.21 14.24
CA CYS B 553 5.62 -36.07 13.27
C CYS B 553 4.44 -35.23 13.76
N VAL B 554 4.08 -34.20 13.00
CA VAL B 554 2.96 -33.33 13.37
C VAL B 554 1.72 -33.63 12.52
N HIS B 555 1.71 -34.83 11.94
CA HIS B 555 0.62 -35.34 11.11
C HIS B 555 0.23 -34.43 9.96
N CYS B 556 1.21 -33.83 9.29
CA CYS B 556 0.88 -32.93 8.18
C CYS B 556 0.62 -33.60 6.83
N LYS B 557 1.09 -34.83 6.65
CA LYS B 557 0.91 -35.60 5.41
C LYS B 557 1.83 -35.28 4.22
N THR B 558 2.76 -34.35 4.45
CA THR B 558 3.69 -33.88 3.42
C THR B 558 4.62 -34.92 2.78
N CYS B 559 5.31 -35.67 3.63
CA CYS B 559 6.24 -36.69 3.16
C CYS B 559 5.62 -37.65 2.16
N ASP B 560 4.37 -38.04 2.42
CA ASP B 560 3.64 -38.98 1.56
C ASP B 560 3.36 -38.37 0.19
N ILE B 561 3.25 -37.05 0.15
CA ILE B 561 2.96 -36.34 -1.07
C ILE B 561 4.22 -36.04 -1.87
N LYS B 562 5.25 -35.57 -1.18
CA LYS B 562 6.47 -35.17 -1.86
C LYS B 562 7.57 -36.23 -2.03
N ASP B 563 7.37 -37.46 -1.58
CA ASP B 563 8.47 -38.40 -1.77
C ASP B 563 8.63 -38.58 -3.27
N PRO B 564 9.84 -38.33 -3.78
CA PRO B 564 10.13 -38.49 -5.22
C PRO B 564 10.04 -39.94 -5.69
N SER B 565 10.06 -40.86 -4.73
CA SER B 565 10.00 -42.28 -5.02
C SER B 565 8.62 -42.80 -4.66
N GLN B 566 7.86 -42.00 -3.91
CA GLN B 566 6.52 -42.36 -3.50
C GLN B 566 6.56 -43.70 -2.82
N ASN B 567 7.56 -43.83 -1.95
CA ASN B 567 7.84 -45.04 -1.17
C ASN B 567 7.11 -45.00 0.16
N ILE B 568 7.04 -43.80 0.76
CA ILE B 568 6.39 -43.60 2.05
C ILE B 568 4.86 -43.57 2.00
N ASN B 569 4.23 -44.10 3.04
CA ASN B 569 2.77 -44.10 3.13
C ASN B 569 2.38 -43.77 4.57
N TRP B 570 2.03 -42.51 4.83
CA TRP B 570 1.64 -42.12 6.17
C TRP B 570 0.46 -43.01 6.57
N VAL B 571 0.56 -43.54 7.78
CA VAL B 571 -0.46 -44.41 8.32
C VAL B 571 -0.79 -43.84 9.70
N VAL B 572 -2.01 -44.02 10.17
CA VAL B 572 -2.38 -43.48 11.46
C VAL B 572 -1.77 -44.27 12.61
N PRO B 573 -1.04 -43.59 13.52
CA PRO B 573 -0.42 -44.24 14.68
C PRO B 573 -1.49 -44.53 15.76
N GLU B 574 -1.09 -44.65 17.02
CA GLU B 574 -2.07 -44.94 18.05
C GLU B 574 -2.85 -43.68 18.41
N GLY B 575 -4.17 -43.79 18.29
CA GLY B 575 -5.08 -42.70 18.58
C GLY B 575 -4.66 -41.87 19.78
N GLY B 576 -4.63 -40.54 19.60
CA GLY B 576 -4.25 -39.66 20.67
C GLY B 576 -2.86 -39.08 20.45
N GLY B 577 -2.20 -39.50 19.37
CA GLY B 577 -0.87 -38.98 19.06
C GLY B 577 -0.95 -37.61 18.44
N GLY B 578 0.14 -37.20 17.80
CA GLY B 578 0.16 -35.89 17.18
C GLY B 578 0.40 -34.70 18.08
N PRO B 579 -0.08 -33.53 17.62
CA PRO B 579 0.10 -32.29 18.38
C PRO B 579 -0.99 -31.86 19.34
N ALA B 580 -0.66 -30.85 20.14
CA ALA B 580 -1.58 -30.22 21.09
C ALA B 580 -1.70 -28.83 20.42
N TYR B 581 -2.77 -28.65 19.64
CA TYR B 581 -2.98 -27.37 18.95
C TYR B 581 -4.08 -26.63 19.70
N ASN B 582 -3.72 -25.51 20.33
CA ASN B 582 -4.68 -24.68 21.03
C ASN B 582 -5.06 -23.61 20.00
N GLY B 583 -6.34 -23.52 19.66
CA GLY B 583 -6.80 -22.54 18.69
C GLY B 583 -5.91 -22.23 17.50
N MET B 584 -5.36 -23.26 16.87
CA MET B 584 -4.49 -23.09 15.71
C MET B 584 -5.33 -23.23 14.44
C1 BHG C . -1.17 8.96 -29.92
O1 BHG C . -1.86 9.62 -28.97
C2 BHG C . 0.36 8.61 -29.66
O2 BHG C . 1.13 9.82 -29.61
C3 BHG C . 0.85 7.71 -30.83
O3 BHG C . 2.20 7.31 -30.64
C4 BHG C . -0.03 6.45 -30.89
O4 BHG C . 0.40 5.60 -31.94
C5 BHG C . -1.51 6.85 -31.12
O5 BHG C . -1.95 7.77 -30.10
C6 BHG C . -2.51 5.65 -31.09
O6 BHG C . -3.71 6.07 -31.74
C1' BHG C . -1.48 10.58 -27.94
C2' BHG C . -1.92 11.88 -27.17
C3' BHG C . -1.48 11.97 -25.68
C4' BHG C . -2.37 12.54 -24.57
C5' BHG C . -3.18 11.87 -23.44
C6' BHG C . -3.26 10.37 -23.60
C1 BHG D . 12.54 -2.88 -13.09
O1 BHG D . 12.79 -4.21 -13.24
C2 BHG D . 11.20 -2.59 -12.36
O2 BHG D . 10.12 -3.39 -12.87
C3 BHG D . 10.92 -1.09 -12.56
O3 BHG D . 9.68 -0.77 -12.01
C4 BHG D . 11.99 -0.26 -11.92
O4 BHG D . 11.71 1.14 -12.09
C5 BHG D . 13.37 -0.61 -12.51
O5 BHG D . 13.63 -2.09 -12.47
C6 BHG D . 14.52 0.13 -11.78
O6 BHG D . 15.53 0.48 -12.72
C1' BHG D . 12.16 -4.70 -14.51
C2' BHG D . 11.19 -4.28 -15.67
C3' BHG D . 10.75 -5.29 -16.72
C4' BHG D . 10.09 -4.94 -18.09
C5' BHG D . 8.76 -4.26 -18.42
C6' BHG D . 8.59 -4.05 -19.90
NA NA E . 9.60 26.81 -26.01
FE1 SF4 F . -4.23 37.39 -1.71
FE2 SF4 F . -6.52 35.91 -2.02
FE3 SF4 F . -4.11 34.89 -2.87
FE4 SF4 F . -5.24 36.94 -4.20
S1 SF4 F . -6.11 34.94 -4.02
S2 SF4 F . -3.15 36.83 -3.61
S3 SF4 F . -6.23 38.11 -2.63
S4 SF4 F . -4.67 35.34 -0.80
PA FAD G . 9.82 31.34 -3.65
O1A FAD G . 10.03 30.38 -2.59
O2A FAD G . 8.53 31.35 -4.32
O5B FAD G . 10.06 32.78 -3.07
C5B FAD G . 9.98 34.01 -3.81
C4B FAD G . 10.23 35.13 -2.79
O4B FAD G . 10.19 36.38 -3.41
C3B FAD G . 9.14 35.14 -1.71
O3B FAD G . 9.86 35.03 -0.46
C2B FAD G . 8.49 36.53 -1.93
O2B FAD G . 8.09 37.13 -0.74
C1B FAD G . 9.55 37.39 -2.55
N9A FAD G . 9.06 38.46 -3.46
C8A FAD G . 8.19 38.34 -4.53
N7A FAD G . 7.99 39.44 -5.19
C5A FAD G . 8.75 40.36 -4.49
C6A FAD G . 9.03 41.76 -4.74
N6A FAD G . 8.45 42.39 -5.76
N1A FAD G . 9.86 42.43 -3.86
C2A FAD G . 10.43 41.73 -2.83
N3A FAD G . 10.27 40.41 -2.54
C4A FAD G . 9.44 39.78 -3.44
N1 FAD G . 9.45 22.10 -4.15
C2 FAD G . 10.25 21.06 -3.92
O2 FAD G . 11.40 21.13 -4.37
N3 FAD G . 9.72 19.98 -3.16
C4 FAD G . 8.40 19.89 -2.61
O4 FAD G . 8.07 18.85 -1.95
C4X FAD G . 7.56 21.06 -2.90
N5 FAD G . 6.28 21.07 -2.37
C5X FAD G . 5.54 22.25 -2.59
C6 FAD G . 4.18 22.35 -1.99
C7 FAD G . 3.41 23.49 -2.13
C7M FAD G . 2.04 23.55 -1.47
C8 FAD G . 3.94 24.66 -2.91
C8M FAD G . 3.18 25.96 -3.12
C9 FAD G . 5.19 24.58 -3.50
C9A FAD G . 6.02 23.39 -3.36
N10 FAD G . 7.34 23.28 -3.90
C10 FAD G . 8.15 22.10 -3.65
C1' FAD G . 7.91 24.30 -4.61
C2' FAD G . 8.89 25.21 -4.01
O2' FAD G . 8.36 25.84 -2.81
C3' FAD G . 9.29 26.20 -5.10
O3' FAD G . 9.77 25.68 -6.37
C4' FAD G . 10.36 27.22 -4.66
O4' FAD G . 10.06 27.92 -3.45
C5' FAD G . 10.55 28.25 -5.69
O5' FAD G . 11.51 29.15 -5.26
P FAD G . 11.97 30.52 -5.46
O1P FAD G . 13.29 30.63 -4.85
O2P FAD G . 11.80 30.86 -6.89
O3P FAD G . 10.84 31.37 -4.73
C1 UQ5 H . -2.07 15.07 -9.12
C2 UQ5 H . -1.46 15.74 -7.94
C3 UQ5 H . -0.28 15.19 -7.23
C4 UQ5 H . 0.25 13.93 -7.70
C5 UQ5 H . -0.38 13.30 -8.90
C6 UQ5 H . -1.60 13.89 -9.59
C1M UQ5 H . -3.28 15.69 -9.81
C3M UQ5 H . -0.30 15.84 -4.78
C4M UQ5 H . 1.06 12.84 -5.73
C7 UQ5 H . -2.24 13.18 -10.80
C8 UQ5 H . -1.64 12.31 -11.80
C9 UQ5 H . -0.49 12.56 -12.66
C10 UQ5 H . 0.21 13.86 -12.57
C11 UQ5 H . -0.06 11.55 -13.62
C12 UQ5 H . 1.11 11.06 -12.82
C13 UQ5 H . 1.53 9.68 -12.77
C14 UQ5 H . 1.50 8.86 -11.63
C15 UQ5 H . 0.99 9.44 -10.30
C16 UQ5 H . 2.01 7.46 -11.75
C17 UQ5 H . 1.35 6.35 -10.94
C18 UQ5 H . 0.78 5.11 -11.51
C19 UQ5 H . 0.96 4.38 -12.76
C20 UQ5 H . 1.86 4.89 -13.76
C21 UQ5 H . 0.13 3.05 -12.99
C22 UQ5 H . 0.74 1.94 -13.82
C23 UQ5 H . 0.32 1.94 -15.15
C24 UQ5 H . -0.35 0.95 -15.91
C25 UQ5 H . -0.71 -0.42 -15.24
C26 UQ5 H . -0.77 1.12 -17.38
C27 UQ5 H . -0.83 -0.23 -18.03
C28 UQ5 H . 0.33 -0.84 -18.73
C29 UQ5 H . 1.82 -0.83 -18.36
C30 UQ5 H . 2.68 0.47 -18.32
C31 UQ5 H . 2.70 -2.00 -17.97
O2 UQ5 H . -1.84 16.79 -7.49
O3 UQ5 H . 0.16 16.02 -6.08
O4 UQ5 H . 1.34 13.42 -7.01
O5 UQ5 H . 0.03 12.21 -9.34
C1 EDO I . 1.93 46.94 6.91
O1 EDO I . 2.94 47.98 7.05
C2 EDO I . 2.60 45.57 7.01
O2 EDO I . 2.67 45.21 8.39
C1 EDO J . -6.44 37.33 11.05
O1 EDO J . -7.57 36.43 10.98
C2 EDO J . -5.16 36.49 11.06
O2 EDO J . -4.16 37.14 10.25
C1 EDO K . 3.80 48.13 -7.20
O1 EDO K . 4.54 46.93 -6.95
C2 EDO K . 3.03 48.61 -5.93
O2 EDO K . 3.64 48.09 -4.73
C1 EDO L . -7.63 48.13 -5.67
O1 EDO L . -8.74 47.55 -4.99
C2 EDO L . -7.03 49.23 -4.78
O2 EDO L . -6.36 50.14 -5.64
C1 EDO M . 0.12 38.32 14.23
O1 EDO M . 0.58 38.94 15.45
C2 EDO M . 1.21 37.38 13.69
O2 EDO M . 1.73 38.00 12.51
C1 EDO N . -14.24 9.17 -11.40
O1 EDO N . -14.38 8.58 -12.71
C2 EDO N . -14.98 10.52 -11.36
O2 EDO N . -14.74 11.21 -12.61
C1 EDO O . -22.62 36.33 -2.19
O1 EDO O . -22.53 34.89 -2.15
C2 EDO O . -22.98 36.76 -3.63
O2 EDO O . -24.11 35.96 -4.08
C1 EDO P . 15.51 14.39 16.33
O1 EDO P . 14.27 13.82 15.84
C2 EDO P . 15.37 14.73 17.84
O2 EDO P . 15.56 13.49 18.59
C1 EDO Q . 21.57 60.08 -4.04
O1 EDO Q . 22.40 59.51 -2.99
C2 EDO Q . 20.18 60.47 -3.48
O2 EDO Q . 20.34 61.35 -2.34
C1 BHG R . -7.62 -8.89 -25.03
O1 BHG R . -8.04 -10.19 -25.19
C2 BHG R . -8.82 -7.95 -24.72
O2 BHG R . -9.78 -8.01 -25.77
C3 BHG R . -8.33 -6.50 -24.49
O3 BHG R . -9.43 -5.65 -24.18
C4 BHG R . -7.28 -6.47 -23.35
O4 BHG R . -6.81 -5.14 -23.12
C5 BHG R . -6.10 -7.41 -23.74
O5 BHG R . -6.60 -8.78 -23.97
C6 BHG R . -5.00 -7.50 -22.67
O6 BHG R . -3.85 -8.05 -23.31
C1' BHG R . -7.13 -11.34 -25.30
C2' BHG R . -6.85 -12.82 -25.66
C3' BHG R . -5.83 -13.47 -24.75
C4' BHG R . -4.58 -12.81 -24.15
C5' BHG R . -3.12 -12.85 -24.56
C6' BHG R . -2.73 -14.16 -25.23
FE1 SF4 S . 5.11 -36.18 10.06
FE2 SF4 S . 7.25 -35.03 8.76
FE3 SF4 S . 4.67 -34.24 8.16
FE4 SF4 S . 5.54 -36.68 7.40
S1 SF4 S . 6.36 -34.80 6.68
S2 SF4 S . 3.62 -36.29 8.36
S3 SF4 S . 6.89 -37.29 9.02
S4 SF4 S . 5.68 -33.95 10.08
PA FAD T . -9.35 -30.93 8.44
O1A FAD T . -9.56 -29.63 9.17
O2A FAD T . -8.13 -31.11 7.60
O5B FAD T . -9.42 -32.02 9.51
C5B FAD T . -9.35 -33.41 9.22
C4B FAD T . -9.41 -34.17 10.54
O4B FAD T . -9.39 -35.56 10.26
C3B FAD T . -8.16 -33.89 11.37
O3B FAD T . -8.54 -33.36 12.65
C2B FAD T . -7.50 -35.29 11.46
O2B FAD T . -6.88 -35.47 12.72
C1B FAD T . -8.67 -36.30 11.27
N9A FAD T . -8.25 -37.62 10.65
C8A FAD T . -7.32 -37.84 9.63
N7A FAD T . -7.15 -39.05 9.30
C5A FAD T . -8.03 -39.73 10.14
C6A FAD T . -8.33 -41.10 10.31
N6A FAD T . -7.74 -42.01 9.56
N1A FAD T . -9.27 -41.46 11.26
C2A FAD T . -9.89 -40.51 12.04
N3A FAD T . -9.67 -39.19 11.97
C4A FAD T . -8.71 -38.86 10.99
N1 FAD T . -9.55 -21.92 4.91
C2 FAD T . -10.26 -20.82 4.92
O2 FAD T . -11.43 -20.96 4.66
N3 FAD T . -9.60 -19.58 5.22
C4 FAD T . -8.25 -19.41 5.55
O4 FAD T . -7.82 -18.27 5.79
C4X FAD T . -7.51 -20.63 5.50
N5 FAD T . -6.12 -20.50 5.82
C5X FAD T . -5.43 -21.70 5.80
C6 FAD T . -4.00 -21.63 6.14
C7 FAD T . -3.21 -22.76 6.18
C7M FAD T . -1.77 -22.58 6.56
C8 FAD T . -3.78 -24.08 5.88
C8M FAD T . -2.96 -25.37 5.86
C9 FAD T . -5.11 -24.20 5.54
C9A FAD T . -5.99 -23.04 5.51
N10 FAD T . -7.42 -23.10 5.21
C10 FAD T . -8.22 -21.85 5.19
C1' FAD T . -8.03 -24.33 4.89
C2' FAD T . -8.78 -25.13 5.84
O2' FAD T . -7.93 -25.46 6.98
C3' FAD T . -9.26 -26.40 5.13
O3' FAD T . -9.97 -26.45 3.86
C4' FAD T . -10.06 -27.31 6.06
O4' FAD T . -9.65 -27.46 7.39
C5' FAD T . -10.31 -28.72 5.43
O5' FAD T . -11.03 -29.57 6.37
P FAD T . -11.67 -30.87 6.71
O1P FAD T . -12.96 -30.53 7.52
O2P FAD T . -11.77 -31.71 5.46
O3P FAD T . -10.46 -31.43 7.56
C1 UQ5 U . 0.65 -17.12 -3.53
C2 UQ5 U . 0.15 -16.81 -2.16
C3 UQ5 U . -0.94 -15.83 -1.93
C4 UQ5 U . -1.54 -15.20 -3.05
C5 UQ5 U . -1.03 -15.53 -4.38
C6 UQ5 U . 0.13 -16.53 -4.63
C1M UQ5 U . 1.75 -18.11 -3.70
C3M UQ5 U . -0.51 -14.68 0.16
C4M UQ5 U . -2.81 -13.05 -3.39
C7 UQ5 U . 0.64 -16.83 -6.06
C8 UQ5 U . 0.29 -15.99 -7.17
C9 UQ5 U . -0.83 -16.21 -8.04
C10 UQ5 U . -1.67 -17.41 -7.77
C11 UQ5 U . -1.22 -15.27 -9.10
C12 UQ5 U . -2.44 -14.68 -8.39
C13 UQ5 U . -3.09 -13.37 -8.63
C14 UQ5 U . -2.97 -12.26 -7.79
C15 UQ5 U . -2.08 -12.30 -6.54
C16 UQ5 U . -3.71 -11.02 -8.14
C17 UQ5 U . -3.07 -9.69 -7.84
C18 UQ5 U . -2.52 -8.81 -8.88
C19 UQ5 U . -3.01 -8.46 -10.19
C20 UQ5 U . -4.26 -8.98 -10.67
C21 UQ5 U . -2.14 -7.48 -11.06
C22 UQ5 U . -2.82 -6.70 -12.11
C23 UQ5 U . -2.63 -7.20 -13.39
C24 UQ5 U . -2.39 -6.49 -14.55
C25 UQ5 U . -2.37 -4.88 -14.48
C26 UQ5 U . -2.16 -7.20 -15.90
C27 UQ5 U . -1.89 -6.20 -16.97
C28 UQ5 U . -2.99 -5.54 -17.79
C29 UQ5 U . -4.34 -4.99 -17.31
C30 UQ5 U . -5.50 -5.92 -16.85
C31 UQ5 U . -4.74 -3.52 -17.08
O2 UQ5 U . 0.60 -17.30 -1.15
O3 UQ5 U . -1.25 -15.64 -0.54
O4 UQ5 U . -2.60 -14.30 -2.74
O5 UQ5 U . -1.52 -14.99 -5.36
C1 EDO V . -14.22 -3.56 -9.88
O1 EDO V . -13.30 -4.41 -9.20
C2 EDO V . -13.78 -2.09 -9.70
O2 EDO V . -14.50 -1.30 -10.66
#